data_9JYW
#
_entry.id   9JYW
#
_cell.length_a   118.911
_cell.length_b   110.672
_cell.length_c   98.578
_cell.angle_alpha   90.00
_cell.angle_beta   118.80
_cell.angle_gamma   90.00
#
_symmetry.space_group_name_H-M   'C 1 2 1'
#
loop_
_entity.id
_entity.type
_entity.pdbx_description
1 polymer 'Gamma carbonic anhydrase family protein'
2 non-polymer 'ZINC ION'
3 non-polymer 'SULFATE ION'
4 water water
#
_entity_poly.entity_id   1
_entity_poly.type   'polypeptide(L)'
_entity_poly.pdbx_seq_one_letter_code
;SMVIYPYKDKKPIISDSAYIADFVTITGDVQIGDESSIWFQTVIRGDVAPTIIGNRVNIQDQCCLHQSPNKPLIIEDDVT
VGHQVLLHSAIVRKGALIGMGSIILDGAEIGKGAFVGAGSLVPPGKKIPEKTLAFGRPAKVIRELTEEDLQDMERIRREY
IEKAQYYKNIARMNN
;
_entity_poly.pdbx_strand_id   A,B,C,D,E,F
#
loop_
_chem_comp.id
_chem_comp.type
_chem_comp.name
_chem_comp.formula
SO4 non-polymer 'SULFATE ION' 'O4 S -2'
ZN non-polymer 'ZINC ION' 'Zn 2'
#
# COMPACT_ATOMS: atom_id res chain seq x y z
N SER A 1 -2.61 -25.02 23.45
CA SER A 1 -3.27 -26.04 24.21
C SER A 1 -4.71 -25.72 24.46
N MET A 2 -5.38 -26.50 25.30
CA MET A 2 -6.79 -26.32 25.55
C MET A 2 -7.18 -26.15 27.02
N VAL A 3 -8.41 -25.74 27.27
CA VAL A 3 -8.90 -25.58 28.63
C VAL A 3 -10.06 -26.55 28.92
N ILE A 4 -9.93 -27.33 29.97
CA ILE A 4 -10.98 -28.28 30.38
C ILE A 4 -11.33 -28.04 31.84
N TYR A 5 -12.56 -27.65 32.10
CA TYR A 5 -12.98 -27.37 33.46
C TYR A 5 -14.18 -28.14 33.91
N PRO A 6 -14.27 -28.42 35.22
CA PRO A 6 -15.50 -28.98 35.76
C PRO A 6 -16.56 -27.88 35.84
N TYR A 7 -17.82 -28.28 35.94
CA TYR A 7 -18.90 -27.38 36.37
C TYR A 7 -19.69 -28.07 37.48
N LYS A 8 -19.53 -27.59 38.72
CA LYS A 8 -20.14 -28.17 39.94
C LYS A 8 -19.76 -29.66 39.99
N ASP A 9 -20.72 -30.57 39.97
CA ASP A 9 -20.49 -32.02 40.16
C ASP A 9 -20.17 -32.73 38.83
N LYS A 10 -20.04 -31.99 37.72
CA LYS A 10 -19.90 -32.59 36.36
C LYS A 10 -18.53 -32.24 35.81
N LYS A 11 -17.82 -33.22 35.27
CA LYS A 11 -16.55 -32.94 34.55
C LYS A 11 -16.62 -33.67 33.22
N PRO A 12 -15.93 -33.11 32.20
CA PRO A 12 -15.96 -33.72 30.87
C PRO A 12 -15.41 -35.15 30.89
N ILE A 13 -16.04 -36.01 30.10
CA ILE A 13 -15.58 -37.41 29.87
C ILE A 13 -15.22 -37.48 28.39
N ILE A 14 -13.93 -37.53 28.09
CA ILE A 14 -13.43 -37.48 26.70
C ILE A 14 -12.68 -38.77 26.39
N SER A 15 -13.09 -39.46 25.34
CA SER A 15 -12.41 -40.70 24.90
C SER A 15 -10.91 -40.46 24.68
N ASP A 16 -10.09 -41.45 25.02
CA ASP A 16 -8.62 -41.39 24.80
C ASP A 16 -8.30 -41.31 23.30
N SER A 17 -9.21 -41.71 22.40
CA SER A 17 -8.93 -41.67 20.94
C SER A 17 -9.47 -40.37 20.32
N ALA A 18 -10.05 -39.47 21.11
CA ALA A 18 -10.59 -38.19 20.60
C ALA A 18 -9.43 -37.22 20.43
N TYR A 19 -9.57 -36.28 19.49
CA TYR A 19 -8.61 -35.18 19.30
C TYR A 19 -9.26 -33.90 19.81
N ILE A 20 -8.59 -33.21 20.73
CA ILE A 20 -9.01 -31.86 21.23
C ILE A 20 -7.92 -30.89 20.77
N ALA A 21 -8.27 -30.01 19.83
CA ALA A 21 -7.30 -29.09 19.19
C ALA A 21 -6.91 -27.97 20.16
N ASP A 22 -5.92 -27.17 19.76
CA ASP A 22 -5.47 -25.98 20.51
C ASP A 22 -6.58 -24.93 20.58
N PHE A 23 -6.60 -24.19 21.70
CA PHE A 23 -7.51 -23.05 21.92
C PHE A 23 -8.95 -23.54 22.06
N VAL A 24 -9.18 -24.82 22.34
CA VAL A 24 -10.51 -25.38 22.62
C VAL A 24 -10.84 -25.22 24.11
N THR A 25 -12.09 -24.85 24.39
CA THR A 25 -12.62 -24.81 25.77
C THR A 25 -13.71 -25.88 25.89
N ILE A 26 -13.62 -26.79 26.86
CA ILE A 26 -14.71 -27.75 27.19
C ILE A 26 -14.93 -27.69 28.70
N THR A 27 -16.16 -27.48 29.12
CA THR A 27 -16.49 -27.44 30.56
C THR A 27 -17.71 -28.32 30.89
N GLY A 28 -17.74 -28.81 32.13
CA GLY A 28 -18.96 -29.35 32.73
C GLY A 28 -19.40 -30.65 32.11
N ASP A 29 -20.71 -30.77 31.89
CA ASP A 29 -21.39 -32.06 31.64
C ASP A 29 -21.27 -32.37 30.14
N VAL A 30 -20.08 -32.74 29.71
CA VAL A 30 -19.80 -33.04 28.28
C VAL A 30 -19.22 -34.43 28.19
N GLN A 31 -19.78 -35.23 27.31
CA GLN A 31 -19.21 -36.54 26.92
C GLN A 31 -18.85 -36.50 25.44
N ILE A 32 -17.64 -36.95 25.10
CA ILE A 32 -17.16 -36.99 23.69
C ILE A 32 -16.63 -38.38 23.41
N GLY A 33 -17.15 -38.98 22.36
CA GLY A 33 -16.88 -40.38 22.03
C GLY A 33 -15.60 -40.65 21.26
N ASP A 34 -15.43 -41.91 20.93
CA ASP A 34 -14.24 -42.47 20.25
C ASP A 34 -14.03 -41.83 18.87
N GLU A 35 -12.79 -41.46 18.57
CA GLU A 35 -12.34 -41.00 17.23
C GLU A 35 -13.08 -39.71 16.84
N SER A 36 -13.67 -39.03 17.81
CA SER A 36 -14.30 -37.72 17.57
C SER A 36 -13.24 -36.63 17.65
N SER A 37 -13.53 -35.47 17.07
CA SER A 37 -12.49 -34.41 16.94
C SER A 37 -13.17 -33.07 17.16
N ILE A 38 -12.56 -32.28 18.03
CA ILE A 38 -13.02 -30.90 18.37
C ILE A 38 -11.91 -29.98 17.88
N TRP A 39 -12.21 -29.17 16.88
CA TRP A 39 -11.20 -28.41 16.10
C TRP A 39 -10.99 -27.02 16.72
N PHE A 40 -9.99 -26.31 16.20
CA PHE A 40 -9.40 -25.10 16.81
C PHE A 40 -10.48 -24.10 17.18
N GLN A 41 -10.32 -23.48 18.35
CA GLN A 41 -11.09 -22.29 18.81
C GLN A 41 -12.52 -22.66 19.21
N THR A 42 -12.93 -23.91 19.14
CA THR A 42 -14.31 -24.31 19.50
C THR A 42 -14.54 -24.20 21.01
N VAL A 43 -15.76 -23.85 21.39
CA VAL A 43 -16.22 -23.78 22.79
C VAL A 43 -17.39 -24.74 22.98
N ILE A 44 -17.27 -25.63 23.96
CA ILE A 44 -18.37 -26.51 24.40
C ILE A 44 -18.56 -26.30 25.89
N ARG A 45 -19.54 -25.49 26.28
CA ARG A 45 -19.80 -25.22 27.71
C ARG A 45 -20.96 -26.07 28.17
N GLY A 46 -20.69 -27.04 29.03
CA GLY A 46 -21.71 -27.99 29.51
C GLY A 46 -22.27 -27.56 30.85
N ASP A 47 -22.76 -26.33 30.98
CA ASP A 47 -23.10 -25.75 32.31
C ASP A 47 -24.59 -25.43 32.44
N VAL A 48 -25.43 -25.79 31.46
CA VAL A 48 -26.89 -25.53 31.53
C VAL A 48 -27.65 -26.86 31.42
N ALA A 49 -27.30 -27.73 30.48
CA ALA A 49 -27.95 -29.04 30.29
C ALA A 49 -26.91 -29.98 29.73
N PRO A 50 -27.13 -31.30 29.77
CA PRO A 50 -26.13 -32.24 29.30
C PRO A 50 -25.77 -32.05 27.82
N THR A 51 -24.50 -32.30 27.50
CA THR A 51 -23.99 -32.38 26.12
C THR A 51 -23.44 -33.79 25.90
N ILE A 52 -23.95 -34.49 24.91
CA ILE A 52 -23.54 -35.87 24.58
C ILE A 52 -23.16 -35.90 23.12
N ILE A 53 -21.87 -36.11 22.87
CA ILE A 53 -21.28 -36.21 21.52
C ILE A 53 -20.83 -37.64 21.32
N GLY A 54 -21.32 -38.24 20.23
CA GLY A 54 -21.06 -39.65 19.90
C GLY A 54 -19.67 -39.88 19.34
N ASN A 55 -19.53 -41.01 18.63
CA ASN A 55 -18.26 -41.50 18.07
C ASN A 55 -18.11 -41.00 16.63
N ARG A 56 -16.88 -40.75 16.20
CA ARG A 56 -16.51 -40.36 14.82
C ARG A 56 -17.23 -39.07 14.43
N VAL A 57 -17.47 -38.20 15.40
CA VAL A 57 -18.08 -36.85 15.18
C VAL A 57 -16.92 -35.86 14.98
N ASN A 58 -17.02 -34.98 13.98
CA ASN A 58 -16.10 -33.84 13.88
C ASN A 58 -16.91 -32.57 14.15
N ILE A 59 -16.41 -31.75 15.07
CA ILE A 59 -16.92 -30.40 15.37
C ILE A 59 -15.83 -29.45 14.90
N GLN A 60 -16.03 -28.80 13.76
CA GLN A 60 -14.98 -28.04 13.05
C GLN A 60 -14.68 -26.73 13.79
N ASP A 61 -13.80 -25.94 13.21
CA ASP A 61 -13.19 -24.77 13.88
C ASP A 61 -14.24 -23.73 14.26
N GLN A 62 -14.03 -23.07 15.41
CA GLN A 62 -14.76 -21.85 15.84
C GLN A 62 -16.26 -22.14 15.99
N CYS A 63 -16.61 -23.36 16.40
CA CYS A 63 -18.01 -23.69 16.74
C CYS A 63 -18.30 -23.29 18.19
N CYS A 64 -19.58 -23.08 18.48
CA CYS A 64 -20.06 -22.78 19.84
C CYS A 64 -21.21 -23.74 20.14
N LEU A 65 -21.05 -24.57 21.16
CA LEU A 65 -22.05 -25.58 21.59
C LEU A 65 -22.51 -25.18 22.99
N HIS A 66 -23.80 -24.93 23.15
CA HIS A 66 -24.36 -24.50 24.46
C HIS A 66 -25.78 -25.05 24.58
N GLN A 67 -26.41 -24.81 25.73
CA GLN A 67 -27.78 -25.32 25.96
C GLN A 67 -28.64 -24.24 26.62
N SER A 68 -29.95 -24.40 26.51
CA SER A 68 -30.97 -23.73 27.31
C SER A 68 -31.48 -24.73 28.34
N PRO A 69 -32.05 -24.27 29.48
CA PRO A 69 -32.44 -25.18 30.56
C PRO A 69 -33.32 -26.34 30.09
N ASN A 70 -32.99 -27.54 30.57
CA ASN A 70 -33.76 -28.79 30.42
C ASN A 70 -33.81 -29.23 28.96
N LYS A 71 -32.92 -28.72 28.09
CA LYS A 71 -32.87 -29.10 26.66
C LYS A 71 -31.46 -29.56 26.35
N PRO A 72 -31.21 -30.88 26.39
CA PRO A 72 -29.88 -31.41 26.17
C PRO A 72 -29.38 -31.12 24.74
N LEU A 73 -28.07 -30.99 24.61
CA LEU A 73 -27.43 -30.91 23.27
C LEU A 73 -26.94 -32.31 22.94
N ILE A 74 -27.54 -32.94 21.93
CA ILE A 74 -27.26 -34.36 21.62
C ILE A 74 -26.78 -34.43 20.17
N ILE A 75 -25.56 -34.91 19.98
CA ILE A 75 -24.94 -35.03 18.65
C ILE A 75 -24.55 -36.50 18.49
N GLU A 76 -25.26 -37.21 17.64
CA GLU A 76 -25.11 -38.69 17.52
C GLU A 76 -23.86 -39.04 16.70
N ASP A 77 -23.58 -40.33 16.59
CA ASP A 77 -22.40 -40.85 15.87
C ASP A 77 -22.33 -40.32 14.43
N ASP A 78 -21.12 -40.13 13.94
CA ASP A 78 -20.83 -39.97 12.50
C ASP A 78 -21.31 -38.63 11.98
N VAL A 79 -21.64 -37.68 12.87
CA VAL A 79 -22.07 -36.32 12.47
C VAL A 79 -20.85 -35.47 12.11
N THR A 80 -21.02 -34.65 11.09
CA THR A 80 -20.09 -33.55 10.72
C THR A 80 -20.75 -32.23 11.10
N VAL A 81 -20.03 -31.41 11.86
CA VAL A 81 -20.49 -30.03 12.19
C VAL A 81 -19.48 -29.04 11.58
N GLY A 82 -19.93 -28.28 10.60
CA GLY A 82 -19.07 -27.39 9.77
C GLY A 82 -18.48 -26.22 10.56
N HIS A 83 -17.50 -25.57 9.96
CA HIS A 83 -16.84 -24.40 10.58
C HIS A 83 -17.84 -23.36 11.07
N GLN A 84 -17.61 -22.75 12.24
CA GLN A 84 -18.31 -21.53 12.70
C GLN A 84 -19.79 -21.79 12.90
N VAL A 85 -20.17 -23.02 13.21
CA VAL A 85 -21.56 -23.35 13.53
C VAL A 85 -21.87 -23.03 14.99
N LEU A 86 -23.10 -22.61 15.25
CA LEU A 86 -23.69 -22.46 16.59
C LEU A 86 -24.74 -23.54 16.77
N LEU A 87 -24.55 -24.42 17.74
CA LEU A 87 -25.57 -25.41 18.18
C LEU A 87 -26.05 -25.02 19.56
N HIS A 88 -27.36 -24.81 19.72
CA HIS A 88 -27.92 -24.43 21.04
C HIS A 88 -29.04 -25.41 21.36
N SER A 89 -28.77 -26.42 22.18
CA SER A 89 -29.80 -27.43 22.55
C SER A 89 -30.36 -28.10 21.29
N ALA A 90 -29.51 -28.34 20.31
CA ALA A 90 -29.88 -29.07 19.07
C ALA A 90 -29.86 -30.59 19.33
N ILE A 91 -30.73 -31.31 18.63
CA ILE A 91 -30.68 -32.78 18.48
C ILE A 91 -30.21 -33.08 17.06
N VAL A 92 -28.99 -33.62 16.92
CA VAL A 92 -28.39 -33.89 15.59
C VAL A 92 -28.22 -35.41 15.45
N ARG A 93 -28.99 -36.02 14.57
CA ARG A 93 -29.08 -37.50 14.48
C ARG A 93 -27.93 -38.05 13.66
N LYS A 94 -27.71 -39.37 13.78
CA LYS A 94 -26.55 -40.09 13.23
C LYS A 94 -26.33 -39.71 11.74
N GLY A 95 -25.10 -39.34 11.41
CA GLY A 95 -24.65 -39.16 10.03
C GLY A 95 -25.12 -37.87 9.39
N ALA A 96 -25.79 -36.98 10.12
CA ALA A 96 -26.19 -35.66 9.59
C ALA A 96 -24.94 -34.82 9.38
N LEU A 97 -25.10 -33.81 8.53
CA LEU A 97 -24.04 -32.80 8.29
C LEU A 97 -24.67 -31.43 8.49
N ILE A 98 -24.02 -30.60 9.33
CA ILE A 98 -24.46 -29.21 9.59
C ILE A 98 -23.53 -28.28 8.82
N GLY A 99 -24.02 -27.69 7.74
CA GLY A 99 -23.21 -26.82 6.86
C GLY A 99 -22.55 -25.70 7.64
N MET A 100 -21.31 -25.40 7.26
CA MET A 100 -20.50 -24.32 7.84
C MET A 100 -21.32 -23.01 7.90
N GLY A 101 -21.20 -22.28 9.01
CA GLY A 101 -21.81 -20.97 9.20
C GLY A 101 -23.28 -21.02 9.55
N SER A 102 -23.81 -22.21 9.88
CA SER A 102 -25.23 -22.38 10.24
C SER A 102 -25.45 -22.15 11.74
N ILE A 103 -26.70 -21.93 12.09
CA ILE A 103 -27.17 -21.73 13.48
C ILE A 103 -28.34 -22.69 13.69
N ILE A 104 -28.23 -23.54 14.69
CA ILE A 104 -29.27 -24.53 14.96
C ILE A 104 -29.78 -24.28 16.35
N LEU A 105 -31.04 -23.96 16.45
CA LEU A 105 -31.55 -23.51 17.73
C LEU A 105 -32.31 -24.47 18.62
N ASP A 106 -32.77 -23.95 19.73
CA ASP A 106 -33.33 -24.82 20.76
C ASP A 106 -34.39 -25.82 20.36
N GLY A 107 -34.10 -27.07 20.64
CA GLY A 107 -35.06 -28.11 20.39
C GLY A 107 -35.13 -28.56 18.97
N ALA A 108 -34.43 -27.87 18.11
CA ALA A 108 -34.44 -28.22 16.68
C ALA A 108 -33.84 -29.64 16.54
N GLU A 109 -34.41 -30.44 15.65
CA GLU A 109 -33.98 -31.83 15.42
C GLU A 109 -33.59 -32.00 13.94
N ILE A 110 -32.36 -32.42 13.72
CA ILE A 110 -31.80 -32.69 12.38
C ILE A 110 -31.80 -34.21 12.17
N GLY A 111 -32.63 -34.67 11.24
CA GLY A 111 -32.85 -36.10 10.96
C GLY A 111 -31.61 -36.82 10.53
N LYS A 112 -31.58 -38.14 10.73
CA LYS A 112 -30.44 -39.02 10.36
C LYS A 112 -30.06 -38.74 8.90
N GLY A 113 -28.77 -38.54 8.66
CA GLY A 113 -28.19 -38.34 7.32
C GLY A 113 -28.68 -37.11 6.59
N ALA A 114 -29.34 -36.14 7.24
CA ALA A 114 -29.77 -34.88 6.61
C ALA A 114 -28.58 -33.94 6.45
N PHE A 115 -28.70 -33.02 5.50
CA PHE A 115 -27.66 -32.03 5.11
C PHE A 115 -28.29 -30.65 5.30
N VAL A 116 -27.80 -29.89 6.27
CA VAL A 116 -28.20 -28.46 6.42
C VAL A 116 -27.18 -27.64 5.63
N GLY A 117 -27.63 -26.91 4.62
CA GLY A 117 -26.73 -26.14 3.73
C GLY A 117 -26.00 -25.05 4.52
N ALA A 118 -24.82 -24.65 4.02
CA ALA A 118 -24.03 -23.56 4.64
C ALA A 118 -24.91 -22.31 4.86
N GLY A 119 -24.71 -21.64 5.98
CA GLY A 119 -25.25 -20.32 6.29
C GLY A 119 -26.70 -20.38 6.72
N SER A 120 -27.23 -21.56 7.04
CA SER A 120 -28.66 -21.73 7.34
C SER A 120 -28.97 -21.33 8.80
N LEU A 121 -30.26 -21.09 9.06
CA LEU A 121 -30.80 -20.93 10.41
C LEU A 121 -31.94 -21.91 10.55
N VAL A 122 -31.84 -22.82 11.53
CA VAL A 122 -32.95 -23.75 11.88
C VAL A 122 -33.55 -23.27 13.20
N PRO A 123 -34.80 -22.74 13.15
CA PRO A 123 -35.41 -22.11 14.31
C PRO A 123 -35.78 -23.11 15.41
N PRO A 124 -36.06 -22.62 16.63
CA PRO A 124 -36.34 -23.52 17.76
C PRO A 124 -37.48 -24.48 17.42
N GLY A 125 -37.29 -25.76 17.74
CA GLY A 125 -38.32 -26.82 17.67
C GLY A 125 -38.53 -27.32 16.26
N LYS A 126 -37.84 -26.78 15.24
CA LYS A 126 -38.05 -27.20 13.84
C LYS A 126 -37.36 -28.53 13.57
N LYS A 127 -38.01 -29.40 12.78
CA LYS A 127 -37.48 -30.74 12.45
C LYS A 127 -37.09 -30.77 10.99
N ILE A 128 -35.89 -31.22 10.69
CA ILE A 128 -35.41 -31.46 9.31
C ILE A 128 -35.51 -32.96 9.07
N PRO A 129 -36.29 -33.42 8.09
CA PRO A 129 -36.47 -34.85 7.85
C PRO A 129 -35.16 -35.55 7.49
N GLU A 130 -35.10 -36.84 7.78
CA GLU A 130 -33.94 -37.70 7.45
C GLU A 130 -33.61 -37.60 5.95
N LYS A 131 -32.32 -37.57 5.63
CA LYS A 131 -31.76 -37.72 4.26
C LYS A 131 -32.32 -36.65 3.32
N THR A 132 -32.61 -35.45 3.82
CA THR A 132 -32.99 -34.30 2.96
C THR A 132 -31.89 -33.23 3.00
N LEU A 133 -31.87 -32.39 1.98
CA LEU A 133 -31.13 -31.11 1.94
C LEU A 133 -32.10 -30.04 2.39
N ALA A 134 -31.71 -29.21 3.36
CA ALA A 134 -32.47 -28.02 3.79
C ALA A 134 -31.50 -26.84 3.89
N PHE A 135 -31.89 -25.67 3.42
CA PHE A 135 -31.05 -24.46 3.60
C PHE A 135 -31.94 -23.23 3.59
N GLY A 136 -31.34 -22.13 4.05
CA GLY A 136 -31.97 -20.81 4.10
C GLY A 136 -32.15 -20.34 5.53
N ARG A 137 -32.77 -19.17 5.69
CA ARG A 137 -33.00 -18.54 7.00
C ARG A 137 -34.41 -17.98 7.03
N PRO A 138 -35.41 -18.71 7.59
CA PRO A 138 -35.23 -20.06 8.13
C PRO A 138 -35.10 -21.16 7.08
N ALA A 139 -34.49 -22.28 7.44
CA ALA A 139 -34.17 -23.41 6.53
C ALA A 139 -35.48 -24.01 6.04
N LYS A 140 -35.53 -24.29 4.74
CA LYS A 140 -36.62 -25.00 4.03
C LYS A 140 -36.05 -26.31 3.50
N VAL A 141 -36.84 -27.39 3.56
CA VAL A 141 -36.50 -28.65 2.85
C VAL A 141 -36.50 -28.37 1.35
N ILE A 142 -35.42 -28.72 0.66
CA ILE A 142 -35.23 -28.44 -0.79
C ILE A 142 -35.49 -29.72 -1.60
N ARG A 143 -34.90 -30.84 -1.21
CA ARG A 143 -34.92 -32.10 -1.99
C ARG A 143 -34.42 -33.28 -1.13
N GLU A 144 -34.62 -34.50 -1.61
CA GLU A 144 -34.04 -35.70 -0.99
C GLU A 144 -32.58 -35.79 -1.45
N LEU A 145 -31.69 -36.23 -0.56
CA LEU A 145 -30.26 -36.40 -0.94
C LEU A 145 -30.14 -37.60 -1.87
N THR A 146 -29.12 -37.57 -2.73
CA THR A 146 -28.79 -38.68 -3.66
C THR A 146 -27.61 -39.45 -3.08
N GLU A 147 -27.29 -40.58 -3.70
CA GLU A 147 -26.13 -41.41 -3.27
C GLU A 147 -24.85 -40.59 -3.44
N GLU A 148 -24.74 -39.73 -4.47
CA GLU A 148 -23.58 -38.82 -4.65
C GLU A 148 -23.41 -37.91 -3.42
N ASP A 149 -24.50 -37.31 -2.93
CA ASP A 149 -24.47 -36.43 -1.72
C ASP A 149 -23.97 -37.26 -0.52
N LEU A 150 -24.52 -38.46 -0.34
CA LEU A 150 -24.20 -39.30 0.83
C LEU A 150 -22.73 -39.72 0.75
N GLN A 151 -22.21 -40.00 -0.44
CA GLN A 151 -20.80 -40.45 -0.59
C GLN A 151 -19.88 -39.29 -0.24
N ASP A 152 -20.25 -38.05 -0.58
CA ASP A 152 -19.45 -36.85 -0.19
C ASP A 152 -19.44 -36.73 1.34
N MET A 153 -20.57 -36.99 1.98
CA MET A 153 -20.70 -36.87 3.47
C MET A 153 -19.84 -37.95 4.12
N GLU A 154 -19.82 -39.16 3.53
CA GLU A 154 -18.98 -40.26 4.04
C GLU A 154 -17.49 -39.90 3.89
N ARG A 155 -17.11 -39.31 2.75
CA ARG A 155 -15.70 -38.95 2.47
C ARG A 155 -15.22 -37.94 3.52
N ILE A 156 -16.01 -36.90 3.79
CA ILE A 156 -15.66 -35.82 4.76
C ILE A 156 -15.49 -36.44 6.14
N ARG A 157 -16.43 -37.29 6.59
CA ARG A 157 -16.34 -37.96 7.91
C ARG A 157 -15.03 -38.74 8.03
N ARG A 158 -14.69 -39.54 7.03
CA ARG A 158 -13.48 -40.42 7.04
C ARG A 158 -12.22 -39.54 7.03
N GLU A 159 -12.20 -38.50 6.19
CA GLU A 159 -11.07 -37.56 6.06
C GLU A 159 -10.80 -36.92 7.42
N TYR A 160 -11.86 -36.53 8.17
CA TYR A 160 -11.67 -35.84 9.47
C TYR A 160 -11.11 -36.81 10.51
N ILE A 161 -11.54 -38.08 10.50
CA ILE A 161 -10.97 -39.08 11.44
C ILE A 161 -9.45 -39.13 11.24
N GLU A 162 -9.03 -39.21 9.97
CA GLU A 162 -7.60 -39.35 9.62
C GLU A 162 -6.86 -38.06 9.99
N LYS A 163 -7.42 -36.91 9.65
CA LYS A 163 -6.73 -35.62 9.91
C LYS A 163 -6.59 -35.43 11.41
N ALA A 164 -7.62 -35.79 12.17
CA ALA A 164 -7.59 -35.68 13.65
C ALA A 164 -6.42 -36.48 14.19
N GLN A 165 -6.22 -37.70 13.70
CA GLN A 165 -5.11 -38.57 14.21
C GLN A 165 -3.77 -37.91 13.84
N TYR A 166 -3.68 -37.30 12.65
CA TYR A 166 -2.45 -36.61 12.18
C TYR A 166 -2.11 -35.43 13.10
N TYR A 167 -3.06 -34.53 13.34
CA TYR A 167 -2.81 -33.33 14.19
C TYR A 167 -2.55 -33.74 15.65
N LYS A 168 -3.27 -34.74 16.17
CA LYS A 168 -3.05 -35.20 17.55
C LYS A 168 -1.58 -35.62 17.72
N ASN A 169 -1.01 -36.28 16.72
CA ASN A 169 0.43 -36.68 16.69
C ASN A 169 1.33 -35.44 16.60
N ILE A 170 1.06 -34.50 15.69
CA ILE A 170 1.85 -33.24 15.50
C ILE A 170 1.84 -32.43 16.79
N ALA A 171 0.67 -32.27 17.43
CA ALA A 171 0.51 -31.53 18.70
C ALA A 171 1.29 -32.25 19.79
N SER B 1 1.29 -15.99 21.02
CA SER B 1 0.85 -17.30 21.33
C SER B 1 -0.03 -17.77 20.22
N MET B 2 0.58 -18.03 19.08
CA MET B 2 -0.13 -18.62 17.97
C MET B 2 0.38 -20.03 17.79
N VAL B 3 -0.32 -20.81 17.02
CA VAL B 3 0.12 -22.14 16.71
C VAL B 3 0.41 -22.26 15.19
N ILE B 4 1.59 -22.72 14.82
CA ILE B 4 1.93 -22.92 13.43
C ILE B 4 2.37 -24.38 13.23
N TYR B 5 1.66 -25.15 12.41
CA TYR B 5 1.96 -26.56 12.23
C TYR B 5 2.14 -26.94 10.78
N PRO B 6 3.08 -27.85 10.51
CA PRO B 6 3.16 -28.40 9.17
C PRO B 6 1.94 -29.30 8.91
N TYR B 7 1.65 -29.56 7.65
CA TYR B 7 0.73 -30.65 7.26
C TYR B 7 1.41 -31.47 6.16
N LYS B 8 1.82 -32.69 6.53
CA LYS B 8 2.56 -33.61 5.62
C LYS B 8 3.80 -32.88 5.12
N ASP B 9 3.94 -32.71 3.81
CA ASP B 9 5.18 -32.15 3.19
C ASP B 9 5.13 -30.62 3.12
N LYS B 10 4.09 -29.97 3.67
CA LYS B 10 3.88 -28.50 3.50
C LYS B 10 3.97 -27.83 4.87
N LYS B 11 4.68 -26.71 4.96
CA LYS B 11 4.66 -25.87 6.17
C LYS B 11 4.39 -24.43 5.74
N PRO B 12 3.75 -23.63 6.60
CA PRO B 12 3.46 -22.24 6.25
C PRO B 12 4.71 -21.43 5.94
N ILE B 13 4.61 -20.59 4.92
CA ILE B 13 5.68 -19.65 4.49
C ILE B 13 5.14 -18.26 4.75
N ILE B 14 5.65 -17.59 5.77
CA ILE B 14 5.10 -16.30 6.26
C ILE B 14 6.18 -15.26 6.16
N SER B 15 5.91 -14.18 5.45
CA SER B 15 6.85 -13.04 5.34
C SER B 15 7.25 -12.54 6.73
N ASP B 16 8.53 -12.16 6.91
CA ASP B 16 9.01 -11.56 8.17
C ASP B 16 8.31 -10.23 8.49
N SER B 17 7.69 -9.56 7.53
CA SER B 17 7.00 -8.27 7.79
C SER B 17 5.52 -8.48 8.12
N ALA B 18 5.03 -9.71 8.14
CA ALA B 18 3.62 -10.03 8.49
C ALA B 18 3.44 -9.95 10.01
N TYR B 19 2.24 -9.65 10.45
CA TYR B 19 1.83 -9.70 11.88
C TYR B 19 0.90 -10.89 12.04
N ILE B 20 1.27 -11.80 12.95
CA ILE B 20 0.42 -12.96 13.34
C ILE B 20 0.00 -12.71 14.80
N ALA B 21 -1.27 -12.43 15.02
CA ALA B 21 -1.80 -12.07 16.36
C ALA B 21 -1.84 -13.29 17.28
N ASP B 22 -2.15 -13.06 18.56
CA ASP B 22 -2.33 -14.13 19.57
C ASP B 22 -3.54 -15.00 19.24
N PHE B 23 -3.47 -16.27 19.62
CA PHE B 23 -4.56 -17.25 19.49
C PHE B 23 -4.82 -17.56 18.00
N VAL B 24 -3.86 -17.29 17.12
CA VAL B 24 -4.01 -17.63 15.66
C VAL B 24 -3.48 -19.03 15.43
N THR B 25 -4.19 -19.80 14.61
CA THR B 25 -3.77 -21.13 14.13
C THR B 25 -3.50 -21.07 12.64
N ILE B 26 -2.30 -21.45 12.19
CA ILE B 26 -1.97 -21.56 10.74
C ILE B 26 -1.30 -22.90 10.53
N THR B 27 -1.83 -23.71 9.62
CA THR B 27 -1.25 -25.06 9.36
C THR B 27 -1.04 -25.28 7.85
N GLY B 28 -0.04 -26.10 7.52
CA GLY B 28 0.08 -26.71 6.19
C GLY B 28 0.41 -25.71 5.09
N ASP B 29 -0.27 -25.85 3.96
CA ASP B 29 0.13 -25.28 2.66
C ASP B 29 -0.39 -23.84 2.60
N VAL B 30 0.22 -22.95 3.37
CA VAL B 30 -0.22 -21.53 3.48
C VAL B 30 0.97 -20.63 3.17
N GLN B 31 0.76 -19.70 2.26
CA GLN B 31 1.74 -18.60 2.01
C GLN B 31 1.08 -17.28 2.36
N ILE B 32 1.78 -16.44 3.14
CA ILE B 32 1.30 -15.11 3.57
C ILE B 32 2.37 -14.10 3.22
N GLY B 33 1.95 -13.09 2.47
CA GLY B 33 2.88 -12.10 1.88
C GLY B 33 3.28 -11.00 2.82
N ASP B 34 4.04 -10.06 2.23
CA ASP B 34 4.64 -8.92 2.94
C ASP B 34 3.56 -8.03 3.56
N GLU B 35 3.78 -7.60 4.79
CA GLU B 35 3.00 -6.54 5.47
C GLU B 35 1.54 -6.98 5.64
N SER B 36 1.28 -8.27 5.52
CA SER B 36 -0.08 -8.82 5.76
C SER B 36 -0.30 -9.05 7.26
N SER B 37 -1.55 -9.11 7.69
CA SER B 37 -1.84 -9.20 9.14
C SER B 37 -2.98 -10.20 9.35
N ILE B 38 -2.73 -11.13 10.25
CA ILE B 38 -3.72 -12.19 10.61
C ILE B 38 -4.12 -11.94 12.06
N TRP B 39 -5.35 -11.55 12.29
CA TRP B 39 -5.82 -10.96 13.59
C TRP B 39 -6.35 -12.04 14.53
N PHE B 40 -6.63 -11.65 15.76
CA PHE B 40 -6.85 -12.57 16.91
C PHE B 40 -7.87 -13.66 16.57
N GLN B 41 -7.55 -14.88 16.98
CA GLN B 41 -8.48 -16.05 17.01
C GLN B 41 -8.72 -16.60 15.60
N THR B 42 -8.07 -16.08 14.56
CA THR B 42 -8.26 -16.57 13.18
C THR B 42 -7.66 -17.97 13.02
N VAL B 43 -8.29 -18.80 12.22
CA VAL B 43 -7.82 -20.17 11.86
C VAL B 43 -7.62 -20.22 10.35
N ILE B 44 -6.43 -20.61 9.91
CA ILE B 44 -6.12 -20.87 8.49
C ILE B 44 -5.55 -22.28 8.41
N ARG B 45 -6.37 -23.27 8.05
CA ARG B 45 -5.93 -24.68 7.97
C ARG B 45 -5.64 -24.99 6.51
N GLY B 46 -4.37 -25.21 6.18
CA GLY B 46 -3.94 -25.44 4.79
C GLY B 46 -3.78 -26.93 4.52
N ASP B 47 -4.81 -27.72 4.78
CA ASP B 47 -4.66 -29.20 4.82
C ASP B 47 -5.55 -29.86 3.75
N VAL B 48 -6.21 -29.11 2.86
CA VAL B 48 -7.03 -29.71 1.76
C VAL B 48 -6.49 -29.23 0.39
N ALA B 49 -6.25 -27.93 0.21
CA ALA B 49 -5.78 -27.35 -1.07
C ALA B 49 -4.94 -26.16 -0.71
N PRO B 50 -4.09 -25.66 -1.63
CA PRO B 50 -3.23 -24.55 -1.32
C PRO B 50 -3.99 -23.29 -0.92
N THR B 51 -3.37 -22.51 -0.03
CA THR B 51 -3.81 -21.16 0.36
C THR B 51 -2.71 -20.16 0.04
N ILE B 52 -3.02 -19.15 -0.74
CA ILE B 52 -2.05 -18.09 -1.12
C ILE B 52 -2.67 -16.75 -0.74
N ILE B 53 -2.06 -16.08 0.22
CA ILE B 53 -2.42 -14.72 0.69
C ILE B 53 -1.31 -13.78 0.24
N GLY B 54 -1.71 -12.72 -0.46
CA GLY B 54 -0.82 -11.71 -1.03
C GLY B 54 -0.28 -10.74 0.01
N ASN B 55 0.17 -9.59 -0.48
CA ASN B 55 0.83 -8.53 0.31
C ASN B 55 -0.22 -7.53 0.80
N ARG B 56 0.00 -6.95 1.98
CA ARG B 56 -0.81 -5.86 2.56
C ARG B 56 -2.28 -6.31 2.68
N VAL B 57 -2.47 -7.59 2.96
CA VAL B 57 -3.82 -8.18 3.21
C VAL B 57 -4.04 -8.13 4.73
N ASN B 58 -5.24 -7.73 5.16
CA ASN B 58 -5.63 -7.91 6.57
C ASN B 58 -6.74 -8.96 6.60
N ILE B 59 -6.57 -9.96 7.43
CA ILE B 59 -7.58 -11.00 7.76
C ILE B 59 -7.97 -10.73 9.20
N GLN B 60 -9.13 -10.16 9.41
CA GLN B 60 -9.52 -9.61 10.74
C GLN B 60 -9.90 -10.76 11.69
N ASP B 61 -10.32 -10.41 12.87
CA ASP B 61 -10.47 -11.34 14.02
C ASP B 61 -11.48 -12.44 13.72
N GLN B 62 -11.21 -13.65 14.20
CA GLN B 62 -12.18 -14.76 14.28
C GLN B 62 -12.63 -15.17 12.86
N CYS B 63 -11.74 -15.06 11.88
CA CYS B 63 -11.99 -15.58 10.52
C CYS B 63 -11.62 -17.06 10.48
N CYS B 64 -12.22 -17.77 9.54
CA CYS B 64 -11.92 -19.19 9.28
C CYS B 64 -11.66 -19.34 7.78
N LEU B 65 -10.46 -19.78 7.43
CA LEU B 65 -10.01 -19.94 6.02
C LEU B 65 -9.74 -21.43 5.82
N HIS B 66 -10.45 -22.05 4.88
CA HIS B 66 -10.28 -23.51 4.60
C HIS B 66 -10.52 -23.75 3.12
N GLN B 67 -10.40 -25.01 2.69
CA GLN B 67 -10.57 -25.35 1.26
C GLN B 67 -11.38 -26.64 1.15
N SER B 68 -11.95 -26.83 -0.03
CA SER B 68 -12.48 -28.13 -0.52
C SER B 68 -11.48 -28.65 -1.56
N PRO B 69 -11.48 -29.97 -1.83
CA PRO B 69 -10.48 -30.55 -2.73
C PRO B 69 -10.39 -29.85 -4.10
N ASN B 70 -9.14 -29.62 -4.52
CA ASN B 70 -8.77 -29.14 -5.87
C ASN B 70 -9.23 -27.69 -6.07
N LYS B 71 -9.56 -26.96 -5.01
CA LYS B 71 -10.05 -25.57 -5.11
C LYS B 71 -9.20 -24.71 -4.18
N PRO B 72 -8.16 -24.05 -4.74
CA PRO B 72 -7.27 -23.25 -3.93
C PRO B 72 -8.00 -22.06 -3.32
N LEU B 73 -7.53 -21.63 -2.14
CA LEU B 73 -8.01 -20.39 -1.51
C LEU B 73 -7.02 -19.29 -1.87
N ILE B 74 -7.46 -18.31 -2.65
CA ILE B 74 -6.56 -17.27 -3.21
C ILE B 74 -7.08 -15.92 -2.71
N ILE B 75 -6.22 -15.20 -2.00
CA ILE B 75 -6.54 -13.84 -1.50
C ILE B 75 -5.43 -12.94 -2.03
N GLU B 76 -5.74 -12.10 -3.00
CA GLU B 76 -4.71 -11.32 -3.71
C GLU B 76 -4.30 -10.11 -2.85
N ASP B 77 -3.36 -9.32 -3.36
CA ASP B 77 -2.82 -8.15 -2.64
C ASP B 77 -3.92 -7.16 -2.26
N ASP B 78 -3.72 -6.49 -1.11
CA ASP B 78 -4.46 -5.26 -0.74
C ASP B 78 -5.92 -5.61 -0.42
N VAL B 79 -6.21 -6.87 -0.15
CA VAL B 79 -7.56 -7.31 0.26
C VAL B 79 -7.77 -7.04 1.75
N THR B 80 -8.99 -6.63 2.08
CA THR B 80 -9.49 -6.55 3.48
C THR B 80 -10.51 -7.66 3.68
N VAL B 81 -10.31 -8.48 4.70
CA VAL B 81 -11.28 -9.52 5.09
C VAL B 81 -11.81 -9.18 6.48
N GLY B 82 -13.09 -8.84 6.56
CA GLY B 82 -13.74 -8.37 7.80
C GLY B 82 -13.83 -9.38 8.92
N HIS B 83 -14.12 -8.89 10.13
CA HIS B 83 -14.27 -9.76 11.33
C HIS B 83 -15.20 -10.94 11.03
N GLN B 84 -14.88 -12.13 11.54
CA GLN B 84 -15.84 -13.27 11.61
C GLN B 84 -16.25 -13.75 10.22
N VAL B 85 -15.42 -13.53 9.24
CA VAL B 85 -15.70 -14.03 7.86
C VAL B 85 -15.27 -15.50 7.74
N LEU B 86 -16.02 -16.26 6.94
CA LEU B 86 -15.67 -17.63 6.53
C LEU B 86 -15.33 -17.59 5.04
N LEU B 87 -14.10 -17.96 4.69
CA LEU B 87 -13.67 -18.14 3.28
C LEU B 87 -13.40 -19.63 3.06
N HIS B 88 -14.08 -20.24 2.11
CA HIS B 88 -13.92 -21.68 1.84
C HIS B 88 -13.61 -21.82 0.34
N SER B 89 -12.36 -21.98 -0.05
CA SER B 89 -11.93 -22.09 -1.47
C SER B 89 -12.44 -20.87 -2.26
N ALA B 90 -12.42 -19.69 -1.63
CA ALA B 90 -12.81 -18.41 -2.27
C ALA B 90 -11.64 -17.90 -3.10
N ILE B 91 -11.93 -17.22 -4.21
CA ILE B 91 -10.94 -16.45 -5.00
C ILE B 91 -11.29 -14.98 -4.78
N VAL B 92 -10.44 -14.24 -4.07
CA VAL B 92 -10.69 -12.82 -3.74
C VAL B 92 -9.60 -11.98 -4.44
N ARG B 93 -10.01 -11.21 -5.44
CA ARG B 93 -9.08 -10.50 -6.34
C ARG B 93 -8.60 -9.20 -5.68
N LYS B 94 -7.53 -8.65 -6.24
CA LYS B 94 -6.77 -7.52 -5.64
C LYS B 94 -7.69 -6.39 -5.23
N GLY B 95 -7.53 -5.90 -3.99
CA GLY B 95 -8.20 -4.68 -3.53
C GLY B 95 -9.66 -4.88 -3.15
N ALA B 96 -10.19 -6.11 -3.24
CA ALA B 96 -11.57 -6.36 -2.80
C ALA B 96 -11.66 -6.26 -1.27
N LEU B 97 -12.89 -6.04 -0.81
CA LEU B 97 -13.19 -5.98 0.64
C LEU B 97 -14.32 -6.96 0.90
N ILE B 98 -14.15 -7.84 1.88
CA ILE B 98 -15.18 -8.85 2.29
C ILE B 98 -15.74 -8.36 3.62
N GLY B 99 -16.96 -7.86 3.59
CA GLY B 99 -17.64 -7.27 4.75
C GLY B 99 -17.69 -8.25 5.90
N MET B 100 -17.49 -7.73 7.12
CA MET B 100 -17.55 -8.51 8.36
C MET B 100 -18.82 -9.39 8.40
N GLY B 101 -18.66 -10.63 8.86
CA GLY B 101 -19.74 -11.60 9.08
C GLY B 101 -20.25 -12.23 7.81
N SER B 102 -19.51 -12.09 6.70
CA SER B 102 -19.87 -12.72 5.41
C SER B 102 -19.32 -14.13 5.31
N ILE B 103 -19.89 -14.89 4.38
CA ILE B 103 -19.50 -16.28 4.08
C ILE B 103 -19.29 -16.36 2.57
N ILE B 104 -18.09 -16.73 2.14
CA ILE B 104 -17.72 -16.81 0.72
C ILE B 104 -17.36 -18.27 0.42
N LEU B 105 -18.13 -18.93 -0.45
CA LEU B 105 -18.09 -20.41 -0.57
C LEU B 105 -17.35 -20.86 -1.83
N ASP B 106 -17.29 -22.17 -2.02
CA ASP B 106 -16.26 -22.84 -2.85
C ASP B 106 -16.32 -22.37 -4.31
N GLY B 107 -15.21 -21.86 -4.78
CA GLY B 107 -15.00 -21.43 -6.16
C GLY B 107 -15.67 -20.11 -6.47
N ALA B 108 -16.27 -19.46 -5.47
CA ALA B 108 -16.80 -18.09 -5.61
C ALA B 108 -15.63 -17.16 -5.90
N GLU B 109 -15.85 -16.19 -6.79
CA GLU B 109 -14.82 -15.23 -7.22
C GLU B 109 -15.33 -13.82 -6.93
N ILE B 110 -14.55 -13.07 -6.16
CA ILE B 110 -14.84 -11.67 -5.81
C ILE B 110 -13.93 -10.78 -6.69
N GLY B 111 -14.55 -10.04 -7.61
CA GLY B 111 -13.86 -9.20 -8.58
C GLY B 111 -12.94 -8.17 -7.96
N LYS B 112 -11.90 -7.76 -8.69
CA LYS B 112 -10.94 -6.73 -8.23
C LYS B 112 -11.73 -5.49 -7.74
N GLY B 113 -11.36 -5.02 -6.54
CA GLY B 113 -11.92 -3.81 -5.92
C GLY B 113 -13.40 -3.86 -5.60
N ALA B 114 -14.03 -5.05 -5.60
CA ALA B 114 -15.45 -5.18 -5.22
C ALA B 114 -15.58 -5.10 -3.69
N PHE B 115 -16.77 -4.75 -3.22
CA PHE B 115 -17.13 -4.61 -1.79
C PHE B 115 -18.29 -5.56 -1.55
N VAL B 116 -18.07 -6.62 -0.78
CA VAL B 116 -19.16 -7.53 -0.32
C VAL B 116 -19.63 -6.96 1.03
N GLY B 117 -20.88 -6.54 1.11
CA GLY B 117 -21.44 -5.89 2.31
C GLY B 117 -21.46 -6.86 3.48
N ALA B 118 -21.41 -6.32 4.69
CA ALA B 118 -21.47 -7.12 5.95
C ALA B 118 -22.64 -8.11 5.89
N GLY B 119 -22.39 -9.32 6.40
CA GLY B 119 -23.42 -10.34 6.65
C GLY B 119 -23.86 -11.07 5.40
N SER B 120 -23.11 -10.95 4.32
CA SER B 120 -23.52 -11.52 3.00
C SER B 120 -23.16 -13.00 2.91
N LEU B 121 -23.79 -13.68 1.95
CA LEU B 121 -23.42 -15.05 1.55
C LEU B 121 -23.21 -15.02 0.04
N VAL B 122 -22.02 -15.41 -0.40
CA VAL B 122 -21.72 -15.63 -1.85
C VAL B 122 -21.63 -17.14 -2.08
N PRO B 123 -22.63 -17.71 -2.80
CA PRO B 123 -22.73 -19.15 -3.00
C PRO B 123 -21.62 -19.73 -3.86
N PRO B 124 -21.42 -21.07 -3.85
CA PRO B 124 -20.35 -21.70 -4.61
C PRO B 124 -20.44 -21.32 -6.10
N GLY B 125 -19.28 -20.96 -6.66
CA GLY B 125 -19.10 -20.72 -8.09
C GLY B 125 -19.59 -19.35 -8.55
N LYS B 126 -20.17 -18.55 -7.65
CA LYS B 126 -20.79 -17.25 -8.04
C LYS B 126 -19.69 -16.21 -8.17
N LYS B 127 -19.85 -15.32 -9.15
CA LYS B 127 -18.87 -14.22 -9.41
C LYS B 127 -19.51 -12.91 -9.01
N ILE B 128 -18.77 -12.10 -8.24
CA ILE B 128 -19.17 -10.71 -7.93
C ILE B 128 -18.34 -9.82 -8.85
N PRO B 129 -19.00 -8.98 -9.66
CA PRO B 129 -18.28 -8.17 -10.64
C PRO B 129 -17.32 -7.18 -9.98
N GLU B 130 -16.25 -6.85 -10.69
CA GLU B 130 -15.21 -5.88 -10.21
C GLU B 130 -15.91 -4.56 -9.87
N LYS B 131 -15.44 -3.90 -8.81
CA LYS B 131 -15.78 -2.52 -8.41
C LYS B 131 -17.28 -2.33 -8.19
N THR B 132 -18.00 -3.37 -7.76
CA THR B 132 -19.42 -3.25 -7.36
C THR B 132 -19.55 -3.41 -5.84
N LEU B 133 -20.63 -2.87 -5.31
CA LEU B 133 -21.16 -3.21 -3.97
C LEU B 133 -22.18 -4.32 -4.20
N ALA B 134 -22.05 -5.44 -3.49
CA ALA B 134 -22.99 -6.57 -3.52
C ALA B 134 -23.24 -6.94 -2.07
N PHE B 135 -24.49 -7.14 -1.69
CA PHE B 135 -24.79 -7.69 -0.35
C PHE B 135 -26.09 -8.47 -0.39
N GLY B 136 -26.30 -9.22 0.68
CA GLY B 136 -27.48 -10.09 0.90
C GLY B 136 -27.09 -11.54 0.91
N ARG B 137 -28.09 -12.41 0.98
CA ARG B 137 -27.92 -13.89 1.06
C ARG B 137 -28.97 -14.51 0.15
N PRO B 138 -28.65 -14.84 -1.12
CA PRO B 138 -27.34 -14.62 -1.72
C PRO B 138 -27.06 -13.17 -2.13
N ALA B 139 -25.78 -12.77 -2.20
CA ALA B 139 -25.37 -11.38 -2.50
C ALA B 139 -25.85 -10.98 -3.91
N LYS B 140 -26.42 -9.79 -4.03
CA LYS B 140 -26.92 -9.16 -5.28
C LYS B 140 -26.14 -7.87 -5.49
N VAL B 141 -25.79 -7.56 -6.75
CA VAL B 141 -25.17 -6.26 -7.09
C VAL B 141 -26.16 -5.13 -6.77
N ILE B 142 -25.70 -4.12 -6.04
CA ILE B 142 -26.49 -2.93 -5.59
C ILE B 142 -26.13 -1.72 -6.45
N ARG B 143 -24.85 -1.44 -6.63
CA ARG B 143 -24.35 -0.23 -7.32
C ARG B 143 -22.89 -0.41 -7.72
N GLU B 144 -22.41 0.50 -8.56
CA GLU B 144 -20.96 0.59 -8.89
C GLU B 144 -20.34 1.41 -7.77
N LEU B 145 -19.16 1.03 -7.30
CA LEU B 145 -18.47 1.82 -6.26
C LEU B 145 -18.00 3.16 -6.82
N THR B 146 -18.02 4.20 -5.99
CA THR B 146 -17.61 5.58 -6.31
C THR B 146 -16.22 5.85 -5.72
N GLU B 147 -15.67 7.02 -6.01
CA GLU B 147 -14.39 7.48 -5.42
C GLU B 147 -14.51 7.53 -3.89
N GLU B 148 -15.65 7.93 -3.34
CA GLU B 148 -15.91 7.97 -1.88
C GLU B 148 -15.75 6.57 -1.30
N ASP B 149 -16.34 5.56 -1.95
CA ASP B 149 -16.22 4.13 -1.51
C ASP B 149 -14.75 3.71 -1.56
N LEU B 150 -14.05 4.04 -2.65
CA LEU B 150 -12.64 3.61 -2.82
C LEU B 150 -11.80 4.30 -1.73
N GLN B 151 -12.08 5.55 -1.37
CA GLN B 151 -11.30 6.25 -0.32
C GLN B 151 -11.52 5.56 1.04
N ASP B 152 -12.72 5.07 1.32
CA ASP B 152 -13.04 4.33 2.57
C ASP B 152 -12.23 3.03 2.58
N MET B 153 -12.14 2.35 1.42
CA MET B 153 -11.45 1.05 1.30
C MET B 153 -9.95 1.28 1.49
N GLU B 154 -9.44 2.37 0.94
CA GLU B 154 -8.00 2.77 1.11
C GLU B 154 -7.73 3.05 2.57
N ARG B 155 -8.61 3.79 3.24
CA ARG B 155 -8.40 4.19 4.67
C ARG B 155 -8.31 2.93 5.52
N ILE B 156 -9.23 1.98 5.35
CA ILE B 156 -9.24 0.74 6.17
C ILE B 156 -7.97 -0.05 5.94
N ARG B 157 -7.56 -0.26 4.69
CA ARG B 157 -6.33 -1.02 4.38
C ARG B 157 -5.12 -0.37 5.05
N ARG B 158 -4.99 0.95 4.94
CA ARG B 158 -3.78 1.67 5.46
C ARG B 158 -3.83 1.68 6.99
N GLU B 159 -5.00 1.85 7.57
CA GLU B 159 -5.20 1.83 9.06
C GLU B 159 -4.77 0.46 9.58
N TYR B 160 -5.07 -0.63 8.89
CA TYR B 160 -4.71 -1.99 9.37
C TYR B 160 -3.20 -2.19 9.27
N ILE B 161 -2.54 -1.66 8.24
CA ILE B 161 -1.06 -1.71 8.18
C ILE B 161 -0.50 -1.08 9.46
N GLU B 162 -0.98 0.10 9.82
CA GLU B 162 -0.49 0.86 11.00
C GLU B 162 -0.84 0.10 12.28
N LYS B 163 -2.04 -0.44 12.39
CA LYS B 163 -2.43 -1.14 13.64
C LYS B 163 -1.58 -2.39 13.75
N ALA B 164 -1.33 -3.10 12.66
CA ALA B 164 -0.53 -4.34 12.67
C ALA B 164 0.88 -3.99 13.16
N GLN B 165 1.47 -2.88 12.69
CA GLN B 165 2.85 -2.49 13.10
C GLN B 165 2.83 -2.24 14.62
N TYR B 166 1.79 -1.57 15.11
CA TYR B 166 1.66 -1.21 16.54
C TYR B 166 1.57 -2.48 17.38
N TYR B 167 0.65 -3.38 17.07
CA TYR B 167 0.44 -4.61 17.88
C TYR B 167 1.64 -5.55 17.77
N LYS B 168 2.28 -5.67 16.61
CA LYS B 168 3.48 -6.51 16.45
C LYS B 168 4.53 -6.06 17.47
N ASN B 169 4.68 -4.76 17.67
CA ASN B 169 5.61 -4.17 18.68
C ASN B 169 5.12 -4.47 20.11
N ILE B 170 3.84 -4.24 20.41
CA ILE B 170 3.22 -4.48 21.75
C ILE B 170 3.35 -5.96 22.14
N ALA B 171 3.08 -6.87 21.21
CA ALA B 171 3.10 -8.33 21.45
C ALA B 171 4.51 -8.78 21.88
N SER C 1 -4.94 -16.69 31.00
CA SER C 1 -5.11 -17.26 29.72
C SER C 1 -5.86 -16.27 28.81
N MET C 2 -5.83 -15.01 29.18
CA MET C 2 -6.41 -13.96 28.36
C MET C 2 -5.29 -13.01 27.95
N VAL C 3 -5.55 -12.16 26.97
CA VAL C 3 -4.58 -11.18 26.54
C VAL C 3 -5.16 -9.80 26.73
N ILE C 4 -4.44 -8.93 27.46
CA ILE C 4 -4.87 -7.59 27.71
C ILE C 4 -3.75 -6.64 27.28
N TYR C 5 -3.99 -5.85 26.24
CA TYR C 5 -3.00 -4.90 25.76
C TYR C 5 -3.42 -3.44 25.77
N PRO C 6 -2.45 -2.54 26.02
CA PRO C 6 -2.75 -1.14 25.82
C PRO C 6 -2.86 -0.83 24.31
N TYR C 7 -3.53 0.27 23.98
CA TYR C 7 -3.43 0.86 22.63
C TYR C 7 -3.11 2.35 22.80
N LYS C 8 -1.87 2.72 22.46
CA LYS C 8 -1.32 4.07 22.66
C LYS C 8 -1.51 4.46 24.13
N ASP C 9 -2.25 5.52 24.41
CA ASP C 9 -2.38 6.11 25.78
C ASP C 9 -3.53 5.45 26.55
N LYS C 10 -4.19 4.43 25.98
CA LYS C 10 -5.41 3.84 26.58
C LYS C 10 -5.10 2.40 26.99
N LYS C 11 -5.44 2.05 28.22
CA LYS C 11 -5.41 0.63 28.65
C LYS C 11 -6.77 0.28 29.22
N PRO C 12 -7.19 -0.99 29.10
CA PRO C 12 -8.51 -1.40 29.57
C PRO C 12 -8.65 -1.16 31.07
N ILE C 13 -9.83 -0.68 31.47
CA ILE C 13 -10.22 -0.48 32.88
C ILE C 13 -11.34 -1.47 33.15
N ILE C 14 -11.00 -2.52 33.91
CA ILE C 14 -11.87 -3.69 34.10
C ILE C 14 -12.13 -3.81 35.60
N SER C 15 -13.39 -3.84 35.96
CA SER C 15 -13.80 -3.96 37.40
C SER C 15 -13.16 -5.22 38.00
N ASP C 16 -12.78 -5.17 39.27
CA ASP C 16 -12.26 -6.37 39.98
C ASP C 16 -13.35 -7.44 40.13
N SER C 17 -14.63 -7.13 39.99
CA SER C 17 -15.72 -8.14 40.08
C SER C 17 -16.11 -8.67 38.70
N ALA C 18 -15.46 -8.22 37.63
CA ALA C 18 -15.71 -8.72 36.25
C ALA C 18 -15.01 -10.08 36.09
N TYR C 19 -15.59 -10.93 35.25
CA TYR C 19 -15.00 -12.21 34.85
C TYR C 19 -14.50 -12.08 33.42
N ILE C 20 -13.22 -12.34 33.21
CA ILE C 20 -12.57 -12.37 31.87
C ILE C 20 -12.14 -13.82 31.65
N ALA C 21 -12.82 -14.51 30.73
CA ALA C 21 -12.60 -15.94 30.50
C ALA C 21 -11.29 -16.20 29.78
N ASP C 22 -10.92 -17.45 29.62
CA ASP C 22 -9.73 -17.88 28.84
C ASP C 22 -9.86 -17.53 27.36
N PHE C 23 -8.73 -17.23 26.73
CA PHE C 23 -8.62 -16.97 25.28
C PHE C 23 -9.36 -15.68 24.91
N VAL C 24 -9.62 -14.80 25.88
CA VAL C 24 -10.22 -13.47 25.61
C VAL C 24 -9.10 -12.48 25.27
N THR C 25 -9.36 -11.63 24.28
CA THR C 25 -8.45 -10.53 23.89
C THR C 25 -9.17 -9.21 24.20
N ILE C 26 -8.55 -8.33 25.00
CA ILE C 26 -9.12 -6.98 25.25
C ILE C 26 -7.98 -5.98 25.10
N THR C 27 -8.16 -5.00 24.23
CA THR C 27 -7.10 -3.99 24.00
C THR C 27 -7.67 -2.56 24.11
N GLY C 28 -6.80 -1.63 24.50
CA GLY C 28 -7.05 -0.20 24.30
C GLY C 28 -8.18 0.35 25.17
N ASP C 29 -9.01 1.19 24.54
CA ASP C 29 -9.92 2.13 25.22
C ASP C 29 -11.20 1.39 25.56
N VAL C 30 -11.13 0.49 26.53
CA VAL C 30 -12.26 -0.38 26.94
C VAL C 30 -12.47 -0.20 28.44
N GLN C 31 -13.71 0.06 28.81
CA GLN C 31 -14.16 0.04 30.21
C GLN C 31 -15.19 -1.07 30.36
N ILE C 32 -15.04 -1.89 31.40
CA ILE C 32 -15.96 -3.01 31.72
C ILE C 32 -16.37 -2.88 33.18
N GLY C 33 -17.66 -2.85 33.40
CA GLY C 33 -18.25 -2.58 34.71
C GLY C 33 -18.33 -3.77 35.63
N ASP C 34 -18.90 -3.49 36.79
CA ASP C 34 -19.05 -4.43 37.94
C ASP C 34 -19.93 -5.62 37.55
N GLU C 35 -19.48 -6.81 37.93
CA GLU C 35 -20.25 -8.08 37.82
C GLU C 35 -20.53 -8.41 36.34
N SER C 36 -19.80 -7.78 35.43
CA SER C 36 -19.92 -8.09 33.99
C SER C 36 -19.01 -9.28 33.65
N SER C 37 -19.26 -9.93 32.53
CA SER C 37 -18.56 -11.18 32.19
C SER C 37 -18.29 -11.19 30.68
N ILE C 38 -17.05 -11.48 30.33
CA ILE C 38 -16.60 -11.60 28.91
C ILE C 38 -16.17 -13.05 28.73
N TRP C 39 -16.91 -13.79 27.90
CA TRP C 39 -16.82 -15.26 27.84
C TRP C 39 -15.79 -15.70 26.78
N PHE C 40 -15.51 -16.99 26.76
CA PHE C 40 -14.37 -17.60 26.04
C PHE C 40 -14.29 -17.14 24.60
N GLN C 41 -13.05 -16.85 24.17
CA GLN C 41 -12.67 -16.62 22.73
C GLN C 41 -13.16 -15.25 22.24
N THR C 42 -13.75 -14.42 23.07
CA THR C 42 -14.26 -13.10 22.66
C THR C 42 -13.07 -12.14 22.42
N VAL C 43 -13.25 -11.25 21.43
CA VAL C 43 -12.28 -10.18 21.10
C VAL C 43 -12.97 -8.83 21.30
N ILE C 44 -12.37 -7.97 22.11
CA ILE C 44 -12.81 -6.55 22.25
C ILE C 44 -11.58 -5.69 21.96
N ARG C 45 -11.48 -5.16 20.73
CA ARG C 45 -10.33 -4.31 20.37
C ARG C 45 -10.78 -2.86 20.46
N GLY C 46 -10.22 -2.13 21.42
CA GLY C 46 -10.60 -0.73 21.68
C GLY C 46 -9.65 0.23 21.02
N ASP C 47 -9.44 0.10 19.71
CA ASP C 47 -8.33 0.80 19.02
C ASP C 47 -8.84 1.76 17.94
N VAL C 48 -10.15 1.96 17.80
CA VAL C 48 -10.68 2.92 16.78
C VAL C 48 -11.52 4.01 17.48
N ALA C 49 -12.41 3.64 18.38
CA ALA C 49 -13.28 4.58 19.12
C ALA C 49 -13.53 3.97 20.48
N PRO C 50 -13.97 4.76 21.48
CA PRO C 50 -14.15 4.22 22.82
C PRO C 50 -15.17 3.08 22.88
N THR C 51 -14.93 2.14 23.80
CA THR C 51 -15.88 1.05 24.14
C THR C 51 -16.21 1.17 25.64
N ILE C 52 -17.49 1.29 25.95
CA ILE C 52 -17.97 1.37 27.35
C ILE C 52 -19.00 0.28 27.55
N ILE C 53 -18.64 -0.67 28.42
CA ILE C 53 -19.51 -1.79 28.83
C ILE C 53 -19.89 -1.56 30.30
N GLY C 54 -21.19 -1.55 30.56
CA GLY C 54 -21.77 -1.25 31.88
C GLY C 54 -21.66 -2.42 32.83
N ASN C 55 -22.51 -2.40 33.85
CA ASN C 55 -22.52 -3.36 34.97
C ASN C 55 -23.50 -4.50 34.67
N ARG C 56 -23.18 -5.70 35.15
CA ARG C 56 -24.04 -6.91 35.04
C ARG C 56 -24.32 -7.25 33.57
N VAL C 57 -23.38 -6.93 32.69
CA VAL C 57 -23.44 -7.25 31.24
C VAL C 57 -22.77 -8.62 31.06
N ASN C 58 -23.38 -9.48 30.23
CA ASN C 58 -22.67 -10.69 29.76
C ASN C 58 -22.44 -10.53 28.26
N ILE C 59 -21.18 -10.72 27.85
CA ILE C 59 -20.77 -10.83 26.43
C ILE C 59 -20.37 -12.28 26.23
N GLN C 60 -21.21 -13.05 25.56
CA GLN C 60 -21.05 -14.52 25.50
C GLN C 60 -19.88 -14.89 24.59
N ASP C 61 -19.71 -16.19 24.39
CA ASP C 61 -18.49 -16.78 23.76
C ASP C 61 -18.38 -16.32 22.29
N GLN C 62 -17.14 -16.12 21.85
CA GLN C 62 -16.79 -15.93 20.42
C GLN C 62 -17.48 -14.69 19.84
N CYS C 63 -17.68 -13.64 20.66
CA CYS C 63 -18.15 -12.34 20.17
C CYS C 63 -16.97 -11.53 19.67
N CYS C 64 -17.27 -10.57 18.78
CA CYS C 64 -16.27 -9.61 18.28
C CYS C 64 -16.85 -8.22 18.45
N LEU C 65 -16.20 -7.38 19.24
CA LEU C 65 -16.62 -5.99 19.55
C LEU C 65 -15.55 -5.05 18.97
N HIS C 66 -15.94 -4.19 18.06
CA HIS C 66 -15.00 -3.27 17.37
C HIS C 66 -15.74 -1.96 17.05
N GLN C 67 -15.03 -1.00 16.49
CA GLN C 67 -15.64 0.32 16.15
C GLN C 67 -15.17 0.77 14.79
N SER C 68 -15.94 1.70 14.21
CA SER C 68 -15.55 2.56 13.09
C SER C 68 -15.27 3.95 13.64
N PRO C 69 -14.49 4.79 12.93
CA PRO C 69 -14.09 6.09 13.49
C PRO C 69 -15.26 6.95 13.97
N ASN C 70 -15.08 7.53 15.16
CA ASN C 70 -15.98 8.56 15.74
C ASN C 70 -17.34 7.97 16.10
N LYS C 71 -17.43 6.63 16.21
CA LYS C 71 -18.69 5.95 16.57
C LYS C 71 -18.39 5.02 17.74
N PRO C 72 -18.63 5.50 18.97
CA PRO C 72 -18.32 4.70 20.16
C PRO C 72 -19.18 3.42 20.20
N LEU C 73 -18.62 2.37 20.81
CA LEU C 73 -19.38 1.12 21.08
C LEU C 73 -19.87 1.21 22.52
N ILE C 74 -21.17 1.29 22.73
CA ILE C 74 -21.80 1.55 24.06
C ILE C 74 -22.71 0.39 24.36
N ILE C 75 -22.45 -0.29 25.47
CA ILE C 75 -23.26 -1.44 25.93
C ILE C 75 -23.65 -1.13 27.37
N GLU C 76 -24.90 -0.77 27.58
CA GLU C 76 -25.35 -0.24 28.89
C GLU C 76 -25.59 -1.39 29.86
N ASP C 77 -25.96 -1.06 31.10
CA ASP C 77 -26.12 -2.05 32.19
C ASP C 77 -27.11 -3.14 31.81
N ASP C 78 -26.88 -4.36 32.30
CA ASP C 78 -27.89 -5.45 32.33
C ASP C 78 -28.16 -5.96 30.90
N VAL C 79 -27.28 -5.66 29.96
CA VAL C 79 -27.41 -6.20 28.57
C VAL C 79 -26.89 -7.64 28.53
N THR C 80 -27.56 -8.47 27.75
CA THR C 80 -27.10 -9.82 27.33
C THR C 80 -26.70 -9.74 25.86
N VAL C 81 -25.48 -10.16 25.57
CA VAL C 81 -25.01 -10.30 24.16
C VAL C 81 -24.74 -11.78 23.91
N GLY C 82 -25.53 -12.37 23.04
CA GLY C 82 -25.51 -13.80 22.71
C GLY C 82 -24.23 -14.30 22.08
N HIS C 83 -24.05 -15.63 22.09
CA HIS C 83 -22.85 -16.27 21.47
C HIS C 83 -22.64 -15.76 20.05
N GLN C 84 -21.37 -15.56 19.66
CA GLN C 84 -20.97 -15.37 18.23
C GLN C 84 -21.61 -14.09 17.66
N VAL C 85 -21.89 -13.11 18.49
CA VAL C 85 -22.41 -11.81 18.03
C VAL C 85 -21.25 -10.93 17.57
N LEU C 86 -21.48 -10.13 16.52
CA LEU C 86 -20.59 -9.04 16.07
C LEU C 86 -21.28 -7.72 16.40
N LEU C 87 -20.62 -6.90 17.22
CA LEU C 87 -21.06 -5.51 17.54
C LEU C 87 -20.03 -4.56 16.95
N HIS C 88 -20.43 -3.70 16.02
CA HIS C 88 -19.48 -2.77 15.38
C HIS C 88 -20.04 -1.35 15.58
N SER C 89 -19.55 -0.61 16.56
CA SER C 89 -20.02 0.76 16.87
C SER C 89 -21.53 0.75 17.13
N ALA C 90 -22.02 -0.32 17.79
CA ALA C 90 -23.42 -0.45 18.19
C ALA C 90 -23.67 0.38 19.47
N ILE C 91 -24.88 0.89 19.61
CA ILE C 91 -25.39 1.49 20.88
C ILE C 91 -26.46 0.56 21.41
N VAL C 92 -26.19 -0.15 22.49
CA VAL C 92 -27.13 -1.16 23.06
C VAL C 92 -27.57 -0.64 24.44
N ARG C 93 -28.85 -0.27 24.55
CA ARG C 93 -29.36 0.42 25.76
C ARG C 93 -29.69 -0.59 26.85
N LYS C 94 -29.83 -0.10 28.07
CA LYS C 94 -29.98 -0.90 29.30
C LYS C 94 -30.99 -2.02 29.13
N GLY C 95 -30.61 -3.24 29.50
CA GLY C 95 -31.52 -4.40 29.62
C GLY C 95 -31.89 -5.01 28.27
N ALA C 96 -31.31 -4.55 27.17
CA ALA C 96 -31.57 -5.17 25.85
C ALA C 96 -30.89 -6.54 25.80
N LEU C 97 -31.38 -7.36 24.89
CA LEU C 97 -30.78 -8.70 24.62
C LEU C 97 -30.49 -8.76 23.13
N ILE C 98 -29.25 -9.12 22.78
CA ILE C 98 -28.83 -9.33 21.36
C ILE C 98 -28.74 -10.83 21.14
N GLY C 99 -29.69 -11.39 20.40
CA GLY C 99 -29.74 -12.84 20.12
C GLY C 99 -28.46 -13.38 19.52
N MET C 100 -28.08 -14.57 19.94
CA MET C 100 -26.88 -15.29 19.44
C MET C 100 -26.84 -15.28 17.91
N GLY C 101 -25.65 -15.08 17.36
CA GLY C 101 -25.36 -15.12 15.92
C GLY C 101 -25.83 -13.88 15.17
N SER C 102 -26.16 -12.80 15.88
CA SER C 102 -26.61 -11.53 15.28
C SER C 102 -25.40 -10.64 14.94
N ILE C 103 -25.64 -9.70 14.04
CA ILE C 103 -24.65 -8.65 13.68
C ILE C 103 -25.33 -7.30 13.81
N ILE C 104 -24.72 -6.43 14.63
CA ILE C 104 -25.25 -5.08 14.90
C ILE C 104 -24.22 -4.07 14.39
N LEU C 105 -24.58 -3.27 13.39
CA LEU C 105 -23.58 -2.49 12.62
C LEU C 105 -23.60 -1.00 13.00
N ASP C 106 -22.75 -0.23 12.33
CA ASP C 106 -22.23 1.06 12.83
C ASP C 106 -23.37 2.07 13.05
N GLY C 107 -23.47 2.54 14.28
CA GLY C 107 -24.43 3.57 14.70
C GLY C 107 -25.82 3.03 14.88
N ALA C 108 -26.02 1.72 14.72
CA ALA C 108 -27.32 1.10 15.06
C ALA C 108 -27.57 1.24 16.56
N GLU C 109 -28.82 1.50 16.93
CA GLU C 109 -29.24 1.73 18.33
C GLU C 109 -30.32 0.72 18.69
N ILE C 110 -30.06 -0.07 19.73
CA ILE C 110 -31.00 -1.07 20.28
C ILE C 110 -31.63 -0.46 21.54
N GLY C 111 -32.94 -0.19 21.48
CA GLY C 111 -33.68 0.50 22.56
C GLY C 111 -33.66 -0.29 23.86
N LYS C 112 -33.84 0.43 24.97
CA LYS C 112 -33.87 -0.19 26.32
C LYS C 112 -34.84 -1.38 26.33
N GLY C 113 -34.38 -2.51 26.87
CA GLY C 113 -35.17 -3.74 27.02
C GLY C 113 -35.65 -4.37 25.74
N ALA C 114 -35.12 -4.00 24.57
CA ALA C 114 -35.49 -4.64 23.28
C ALA C 114 -34.81 -6.02 23.17
N PHE C 115 -35.39 -6.89 22.35
CA PHE C 115 -34.92 -8.27 22.10
C PHE C 115 -34.67 -8.39 20.61
N VAL C 116 -33.41 -8.53 20.22
CA VAL C 116 -33.05 -8.83 18.80
C VAL C 116 -32.95 -10.35 18.69
N GLY C 117 -33.79 -10.96 17.86
CA GLY C 117 -33.83 -12.43 17.70
C GLY C 117 -32.51 -12.98 17.18
N ALA C 118 -32.23 -14.25 17.49
CA ALA C 118 -31.02 -14.95 16.99
C ALA C 118 -30.89 -14.79 15.47
N GLY C 119 -29.65 -14.58 15.01
CA GLY C 119 -29.28 -14.65 13.59
C GLY C 119 -29.66 -13.38 12.85
N SER C 120 -29.97 -12.28 13.56
CA SER C 120 -30.46 -11.03 12.93
C SER C 120 -29.30 -10.18 12.42
N LEU C 121 -29.60 -9.26 11.51
CA LEU C 121 -28.68 -8.20 11.07
C LEU C 121 -29.40 -6.87 11.26
N VAL C 122 -28.83 -5.99 12.06
CA VAL C 122 -29.31 -4.58 12.20
C VAL C 122 -28.36 -3.66 11.46
N PRO C 123 -28.80 -3.10 10.32
CA PRO C 123 -27.92 -2.32 9.44
C PRO C 123 -27.47 -0.99 10.05
N PRO C 124 -26.42 -0.35 9.50
CA PRO C 124 -25.89 0.88 10.04
C PRO C 124 -26.99 1.95 10.23
N GLY C 125 -27.01 2.57 11.41
CA GLY C 125 -27.87 3.72 11.71
C GLY C 125 -29.30 3.35 12.05
N LYS C 126 -29.65 2.06 12.00
CA LYS C 126 -31.04 1.62 12.24
C LYS C 126 -31.34 1.60 13.74
N LYS C 127 -32.57 1.97 14.11
CA LYS C 127 -33.01 2.01 15.54
C LYS C 127 -34.04 0.91 15.76
N ILE C 128 -33.84 0.11 16.81
CA ILE C 128 -34.86 -0.87 17.28
C ILE C 128 -35.54 -0.23 18.47
N PRO C 129 -36.87 -0.04 18.43
CA PRO C 129 -37.57 0.64 19.52
C PRO C 129 -37.48 -0.13 20.84
N GLU C 130 -37.56 0.60 21.94
CA GLU C 130 -37.54 0.03 23.31
C GLU C 130 -38.61 -1.07 23.44
N LYS C 131 -38.27 -2.16 24.13
CA LYS C 131 -39.21 -3.23 24.58
C LYS C 131 -39.94 -3.87 23.40
N THR C 132 -39.30 -3.96 22.22
CA THR C 132 -39.86 -4.70 21.08
C THR C 132 -39.01 -5.93 20.79
N LEU C 133 -39.61 -6.91 20.12
CA LEU C 133 -38.93 -8.03 19.46
C LEU C 133 -38.70 -7.60 18.01
N ALA C 134 -37.46 -7.73 17.53
CA ALA C 134 -37.08 -7.52 16.12
C ALA C 134 -36.21 -8.69 15.70
N PHE C 135 -36.41 -9.21 14.49
CA PHE C 135 -35.52 -10.25 13.94
C PHE C 135 -35.58 -10.20 12.41
N GLY C 136 -34.60 -10.84 11.82
CA GLY C 136 -34.42 -10.97 10.36
C GLY C 136 -33.20 -10.25 9.88
N ARG C 137 -33.01 -10.25 8.56
CA ARG C 137 -31.82 -9.66 7.89
C ARG C 137 -32.29 -8.91 6.66
N PRO C 138 -32.49 -7.57 6.72
CA PRO C 138 -32.39 -6.77 7.95
C PRO C 138 -33.55 -6.95 8.93
N ALA C 139 -33.31 -6.67 10.22
CA ALA C 139 -34.26 -6.91 11.32
C ALA C 139 -35.50 -6.02 11.10
N LYS C 140 -36.67 -6.63 11.30
CA LYS C 140 -37.99 -5.95 11.31
C LYS C 140 -38.56 -6.04 12.72
N VAL C 141 -39.17 -4.95 13.18
CA VAL C 141 -39.94 -4.95 14.44
C VAL C 141 -41.15 -5.89 14.22
N ILE C 142 -41.34 -6.83 15.15
CA ILE C 142 -42.40 -7.87 15.04
C ILE C 142 -43.56 -7.52 15.97
N ARG C 143 -43.28 -7.21 17.23
CA ARG C 143 -44.31 -7.05 18.29
C ARG C 143 -43.68 -6.41 19.52
N GLU C 144 -44.51 -5.95 20.44
CA GLU C 144 -44.08 -5.47 21.78
C GLU C 144 -43.81 -6.69 22.65
N LEU C 145 -42.78 -6.63 23.47
CA LEU C 145 -42.47 -7.73 24.40
C LEU C 145 -43.53 -7.77 25.50
N THR C 146 -43.77 -8.97 26.05
CA THR C 146 -44.69 -9.21 27.19
C THR C 146 -43.87 -9.39 28.47
N GLU C 147 -44.55 -9.46 29.60
CA GLU C 147 -43.89 -9.69 30.91
C GLU C 147 -43.19 -11.06 30.90
N GLU C 148 -43.76 -12.06 30.22
CA GLU C 148 -43.13 -13.41 30.05
C GLU C 148 -41.78 -13.26 29.34
N ASP C 149 -41.70 -12.46 28.28
CA ASP C 149 -40.44 -12.20 27.53
C ASP C 149 -39.43 -11.55 28.48
N LEU C 150 -39.88 -10.54 29.23
CA LEU C 150 -38.97 -9.79 30.11
C LEU C 150 -38.44 -10.72 31.22
N GLN C 151 -39.28 -11.62 31.72
CA GLN C 151 -38.85 -12.54 32.81
C GLN C 151 -37.79 -13.52 32.27
N ASP C 152 -37.92 -13.96 31.02
CA ASP C 152 -36.90 -14.82 30.36
C ASP C 152 -35.57 -14.03 30.27
N MET C 153 -35.65 -12.75 29.92
CA MET C 153 -34.44 -11.90 29.75
C MET C 153 -33.77 -11.72 31.12
N GLU C 154 -34.58 -11.52 32.17
CA GLU C 154 -34.07 -11.38 33.55
C GLU C 154 -33.38 -12.68 33.98
N ARG C 155 -33.98 -13.83 33.67
CA ARG C 155 -33.45 -15.16 34.11
C ARG C 155 -32.04 -15.35 33.52
N ILE C 156 -31.90 -15.09 32.22
CA ILE C 156 -30.60 -15.28 31.51
C ILE C 156 -29.53 -14.37 32.14
N ARG C 157 -29.85 -13.08 32.32
CA ARG C 157 -28.91 -12.10 32.89
C ARG C 157 -28.43 -12.58 34.28
N ARG C 158 -29.35 -13.01 35.14
CA ARG C 158 -29.00 -13.37 36.55
C ARG C 158 -28.17 -14.66 36.53
N GLU C 159 -28.56 -15.62 35.69
CA GLU C 159 -27.84 -16.92 35.58
C GLU C 159 -26.38 -16.66 35.15
N TYR C 160 -26.16 -15.70 34.24
CA TYR C 160 -24.78 -15.42 33.76
C TYR C 160 -23.92 -14.80 34.88
N ILE C 161 -24.50 -13.95 35.72
CA ILE C 161 -23.72 -13.39 36.81
C ILE C 161 -23.18 -14.45 37.74
N GLU C 162 -24.03 -15.42 38.04
CA GLU C 162 -23.64 -16.47 38.94
C GLU C 162 -22.63 -17.43 38.32
N LYS C 163 -22.89 -17.82 37.07
CA LYS C 163 -21.91 -18.70 36.40
C LYS C 163 -20.55 -18.02 36.29
N ALA C 164 -20.58 -16.73 35.98
CA ALA C 164 -19.32 -15.94 35.90
C ALA C 164 -18.56 -16.08 37.24
N GLN C 165 -19.26 -15.95 38.36
CA GLN C 165 -18.63 -16.04 39.70
C GLN C 165 -18.02 -17.44 39.86
N TYR C 166 -18.71 -18.49 39.39
CA TYR C 166 -18.26 -19.89 39.50
C TYR C 166 -16.95 -20.06 38.72
N TYR C 167 -16.93 -19.68 37.43
CA TYR C 167 -15.73 -19.90 36.60
C TYR C 167 -14.56 -19.03 37.07
N LYS C 168 -14.84 -17.80 37.50
CA LYS C 168 -13.77 -16.90 38.00
C LYS C 168 -13.04 -17.60 39.17
N ASN C 169 -13.78 -18.28 40.03
CA ASN C 169 -13.21 -19.06 41.18
C ASN C 169 -12.43 -20.28 40.66
N ILE C 170 -12.99 -21.06 39.73
CA ILE C 170 -12.35 -22.28 39.15
C ILE C 170 -11.04 -21.88 38.45
N ALA C 171 -11.04 -20.80 37.66
CA ALA C 171 -9.85 -20.29 36.95
C ALA C 171 -8.81 -19.86 37.99
N SER D 1 0.81 12.67 -23.59
CA SER D 1 1.71 12.44 -24.65
C SER D 1 2.93 11.69 -24.15
N MET D 2 2.87 10.37 -24.13
CA MET D 2 4.05 9.57 -23.81
C MET D 2 4.48 8.68 -24.96
N VAL D 3 5.71 8.21 -24.94
CA VAL D 3 6.24 7.36 -25.97
C VAL D 3 6.59 5.98 -25.40
N ILE D 4 6.09 4.94 -26.04
CA ILE D 4 6.37 3.58 -25.63
C ILE D 4 6.89 2.77 -26.81
N TYR D 5 8.11 2.30 -26.75
CA TYR D 5 8.71 1.63 -27.88
C TYR D 5 9.29 0.29 -27.53
N PRO D 6 9.21 -0.68 -28.47
CA PRO D 6 9.91 -1.95 -28.26
C PRO D 6 11.41 -1.73 -28.45
N TYR D 7 12.22 -2.64 -27.91
CA TYR D 7 13.65 -2.74 -28.27
C TYR D 7 13.94 -4.20 -28.61
N LYS D 8 14.15 -4.45 -29.91
CA LYS D 8 14.38 -5.81 -30.47
C LYS D 8 13.19 -6.67 -30.05
N ASP D 9 13.41 -7.76 -29.31
CA ASP D 9 12.36 -8.77 -29.02
C ASP D 9 11.61 -8.39 -27.73
N LYS D 10 11.89 -7.24 -27.11
CA LYS D 10 11.33 -6.88 -25.79
C LYS D 10 10.44 -5.65 -25.93
N LYS D 11 9.26 -5.65 -25.32
CA LYS D 11 8.40 -4.46 -25.24
C LYS D 11 8.00 -4.29 -23.77
N PRO D 12 7.74 -3.05 -23.35
CA PRO D 12 7.35 -2.79 -21.98
C PRO D 12 6.05 -3.52 -21.60
N ILE D 13 6.03 -4.08 -20.40
CA ILE D 13 4.84 -4.75 -19.81
C ILE D 13 4.42 -3.89 -18.63
N ILE D 14 3.32 -3.17 -18.78
CA ILE D 14 2.89 -2.14 -17.80
C ILE D 14 1.52 -2.53 -17.28
N SER D 15 1.39 -2.69 -15.98
CA SER D 15 0.10 -2.99 -15.33
C SER D 15 -0.97 -1.97 -15.75
N ASP D 16 -2.21 -2.43 -15.95
CA ASP D 16 -3.35 -1.54 -16.27
C ASP D 16 -3.62 -0.54 -15.15
N SER D 17 -3.17 -0.80 -13.91
CA SER D 17 -3.43 0.13 -12.79
C SER D 17 -2.30 1.17 -12.62
N ALA D 18 -1.25 1.10 -13.43
CA ALA D 18 -0.12 2.07 -13.37
C ALA D 18 -0.53 3.39 -14.02
N TYR D 19 0.07 4.49 -13.58
CA TYR D 19 -0.09 5.83 -14.17
C TYR D 19 1.21 6.17 -14.91
N ILE D 20 1.08 6.46 -16.20
CA ILE D 20 2.21 6.93 -17.06
C ILE D 20 1.90 8.38 -17.43
N ALA D 21 2.65 9.33 -16.89
CA ALA D 21 2.40 10.77 -17.09
C ALA D 21 2.77 11.20 -18.53
N ASP D 22 2.46 12.45 -18.86
CA ASP D 22 2.82 13.07 -20.16
C ASP D 22 4.34 13.23 -20.28
N PHE D 23 4.84 13.14 -21.52
CA PHE D 23 6.26 13.38 -21.88
C PHE D 23 7.15 12.30 -21.27
N VAL D 24 6.57 11.14 -20.93
CA VAL D 24 7.35 9.98 -20.44
C VAL D 24 7.79 9.13 -21.65
N THR D 25 9.01 8.64 -21.60
CA THR D 25 9.58 7.70 -22.57
C THR D 25 9.85 6.36 -21.88
N ILE D 26 9.30 5.25 -22.37
CA ILE D 26 9.60 3.90 -21.85
C ILE D 26 9.89 3.01 -23.05
N THR D 27 11.04 2.36 -23.07
CA THR D 27 11.41 1.47 -24.19
C THR D 27 11.90 0.11 -23.70
N GLY D 28 11.68 -0.91 -24.53
CA GLY D 28 12.37 -2.21 -24.38
C GLY D 28 11.95 -2.99 -23.14
N ASP D 29 12.93 -3.58 -22.48
CA ASP D 29 12.75 -4.69 -21.51
C ASP D 29 12.40 -4.09 -20.14
N VAL D 30 11.20 -3.55 -20.03
CA VAL D 30 10.75 -2.85 -18.78
C VAL D 30 9.44 -3.50 -18.32
N GLN D 31 9.39 -3.85 -17.06
CA GLN D 31 8.16 -4.32 -16.37
C GLN D 31 7.82 -3.31 -15.28
N ILE D 32 6.57 -2.86 -15.25
CA ILE D 32 6.05 -1.91 -14.24
C ILE D 32 4.80 -2.53 -13.61
N GLY D 33 4.84 -2.64 -12.28
CA GLY D 33 3.81 -3.33 -11.51
C GLY D 33 2.59 -2.48 -11.22
N ASP D 34 1.69 -3.10 -10.44
CA ASP D 34 0.38 -2.53 -10.08
C ASP D 34 0.53 -1.23 -9.29
N GLU D 35 -0.29 -0.24 -9.64
CA GLU D 35 -0.50 1.00 -8.87
C GLU D 35 0.80 1.80 -8.81
N SER D 36 1.74 1.50 -9.70
CA SER D 36 3.00 2.26 -9.78
C SER D 36 2.78 3.53 -10.63
N SER D 37 3.63 4.52 -10.49
CA SER D 37 3.42 5.81 -11.19
C SER D 37 4.77 6.31 -11.71
N ILE D 38 4.78 6.66 -12.99
CA ILE D 38 5.97 7.21 -13.68
C ILE D 38 5.61 8.65 -14.06
N TRP D 39 6.29 9.61 -13.44
CA TRP D 39 5.87 11.03 -13.47
C TRP D 39 6.54 11.79 -14.62
N PHE D 40 6.10 13.01 -14.84
CA PHE D 40 6.36 13.81 -16.06
C PHE D 40 7.86 13.82 -16.42
N GLN D 41 8.14 13.67 -17.71
CA GLN D 41 9.47 13.89 -18.32
C GLN D 41 10.46 12.74 -17.99
N THR D 42 10.02 11.70 -17.30
CA THR D 42 10.91 10.59 -16.93
C THR D 42 11.24 9.74 -18.16
N VAL D 43 12.47 9.23 -18.21
CA VAL D 43 12.96 8.33 -19.27
C VAL D 43 13.35 6.99 -18.63
N ILE D 44 12.77 5.90 -19.14
CA ILE D 44 13.17 4.52 -18.77
C ILE D 44 13.53 3.78 -20.05
N ARG D 45 14.80 3.69 -20.37
CA ARG D 45 15.26 3.01 -21.60
C ARG D 45 15.71 1.61 -21.22
N GLY D 46 14.96 0.59 -21.64
CA GLY D 46 15.25 -0.80 -21.31
C GLY D 46 16.00 -1.49 -22.44
N ASP D 47 17.15 -0.95 -22.83
CA ASP D 47 17.83 -1.38 -24.08
C ASP D 47 19.22 -1.94 -23.78
N VAL D 48 19.63 -2.08 -22.51
CA VAL D 48 20.96 -2.67 -22.17
C VAL D 48 20.77 -3.92 -21.30
N ALA D 49 19.97 -3.85 -20.24
CA ALA D 49 19.73 -4.96 -19.30
C ALA D 49 18.29 -4.82 -18.81
N PRO D 50 17.70 -5.89 -18.26
CA PRO D 50 16.31 -5.83 -17.82
C PRO D 50 16.08 -4.76 -16.73
N THR D 51 14.89 -4.18 -16.79
CA THR D 51 14.36 -3.25 -15.74
C THR D 51 13.09 -3.88 -15.16
N ILE D 52 13.06 -4.08 -13.84
CA ILE D 52 11.87 -4.61 -13.14
C ILE D 52 11.48 -3.63 -12.05
N ILE D 53 10.33 -3.00 -12.21
CA ILE D 53 9.72 -2.07 -11.23
C ILE D 53 8.49 -2.77 -10.63
N GLY D 54 8.46 -2.82 -9.30
CA GLY D 54 7.42 -3.53 -8.54
C GLY D 54 6.14 -2.72 -8.43
N ASN D 55 5.36 -3.05 -7.41
CA ASN D 55 4.02 -2.49 -7.18
C ASN D 55 4.11 -1.27 -6.25
N ARG D 56 3.24 -0.28 -6.46
CA ARG D 56 3.07 0.90 -5.59
C ARG D 56 4.39 1.68 -5.53
N VAL D 57 5.14 1.65 -6.61
CA VAL D 57 6.40 2.44 -6.78
C VAL D 57 6.01 3.78 -7.38
N ASN D 58 6.58 4.87 -6.90
CA ASN D 58 6.52 6.17 -7.61
C ASN D 58 7.92 6.50 -8.07
N ILE D 59 8.05 6.79 -9.37
CA ILE D 59 9.27 7.34 -10.00
C ILE D 59 8.92 8.76 -10.37
N GLN D 60 9.46 9.73 -9.64
CA GLN D 60 8.99 11.13 -9.72
C GLN D 60 9.54 11.79 -11.01
N ASP D 61 9.26 13.07 -11.16
CA ASP D 61 9.46 13.82 -12.42
C ASP D 61 10.95 13.85 -12.80
N GLN D 62 11.24 13.76 -14.10
CA GLN D 62 12.56 14.06 -14.68
C GLN D 62 13.61 13.08 -14.14
N CYS D 63 13.20 11.83 -13.89
CA CYS D 63 14.16 10.76 -13.53
C CYS D 63 14.69 10.13 -14.82
N CYS D 64 15.85 9.50 -14.72
CA CYS D 64 16.47 8.76 -15.83
C CYS D 64 16.85 7.39 -15.29
N LEU D 65 16.26 6.34 -15.85
CA LEU D 65 16.52 4.94 -15.48
C LEU D 65 17.19 4.25 -16.66
N HIS D 66 18.38 3.71 -16.45
CA HIS D 66 19.15 3.03 -17.52
C HIS D 66 19.98 1.92 -16.90
N GLN D 67 20.69 1.16 -17.73
CA GLN D 67 21.50 0.03 -17.25
C GLN D 67 22.87 0.04 -17.95
N SER D 68 23.83 -0.63 -17.32
CA SER D 68 25.10 -1.09 -17.94
C SER D 68 24.97 -2.60 -18.19
N PRO D 69 25.75 -3.18 -19.12
CA PRO D 69 25.55 -4.58 -19.49
C PRO D 69 25.59 -5.54 -18.31
N ASN D 70 24.64 -6.48 -18.30
CA ASN D 70 24.58 -7.64 -17.38
C ASN D 70 24.26 -7.17 -15.96
N LYS D 71 23.78 -5.93 -15.78
CA LYS D 71 23.44 -5.40 -14.44
C LYS D 71 22.01 -4.90 -14.50
N PRO D 72 21.04 -5.73 -14.06
CA PRO D 72 19.64 -5.37 -14.11
C PRO D 72 19.34 -4.15 -13.21
N LEU D 73 18.35 -3.38 -13.61
CA LEU D 73 17.82 -2.26 -12.79
C LEU D 73 16.60 -2.82 -12.07
N ILE D 74 16.67 -2.95 -10.75
CA ILE D 74 15.62 -3.61 -9.93
C ILE D 74 15.09 -2.58 -8.92
N ILE D 75 13.80 -2.29 -9.00
CA ILE D 75 13.13 -1.34 -8.08
C ILE D 75 11.97 -2.12 -7.47
N GLU D 76 12.10 -2.50 -6.22
CA GLU D 76 11.15 -3.42 -5.57
C GLU D 76 9.90 -2.64 -5.14
N ASP D 77 8.91 -3.36 -4.61
CA ASP D 77 7.62 -2.77 -4.17
C ASP D 77 7.81 -1.60 -3.20
N ASP D 78 6.91 -0.62 -3.30
CA ASP D 78 6.70 0.41 -2.25
C ASP D 78 7.89 1.37 -2.19
N VAL D 79 8.70 1.40 -3.26
CA VAL D 79 9.83 2.36 -3.34
C VAL D 79 9.32 3.72 -3.78
N THR D 80 9.93 4.76 -3.21
CA THR D 80 9.80 6.15 -3.67
C THR D 80 11.13 6.57 -4.32
N VAL D 81 11.07 7.04 -5.55
CA VAL D 81 12.25 7.63 -6.24
C VAL D 81 11.99 9.12 -6.48
N GLY D 82 12.75 9.96 -5.82
CA GLY D 82 12.54 11.43 -5.83
C GLY D 82 12.78 12.10 -7.17
N HIS D 83 12.33 13.36 -7.28
CA HIS D 83 12.51 14.16 -8.51
C HIS D 83 13.97 14.13 -9.00
N GLN D 84 14.18 14.03 -10.30
CA GLN D 84 15.51 14.31 -10.93
C GLN D 84 16.56 13.32 -10.47
N VAL D 85 16.16 12.13 -10.09
CA VAL D 85 17.11 11.03 -9.74
C VAL D 85 17.58 10.32 -11.00
N LEU D 86 18.85 9.88 -10.94
CA LEU D 86 19.46 9.00 -11.96
C LEU D 86 19.70 7.64 -11.30
N LEU D 87 19.07 6.60 -11.83
CA LEU D 87 19.32 5.20 -11.43
C LEU D 87 19.99 4.48 -12.59
N HIS D 88 21.18 3.93 -12.38
CA HIS D 88 21.92 3.24 -13.46
C HIS D 88 22.27 1.86 -12.94
N SER D 89 21.52 0.82 -13.29
CA SER D 89 21.74 -0.57 -12.83
C SER D 89 21.75 -0.60 -11.30
N ALA D 90 20.89 0.20 -10.67
CA ALA D 90 20.69 0.24 -9.21
C ALA D 90 19.80 -0.94 -8.78
N ILE D 91 20.04 -1.46 -7.59
CA ILE D 91 19.13 -2.43 -6.93
C ILE D 91 18.53 -1.68 -5.74
N VAL D 92 17.25 -1.35 -5.81
CA VAL D 92 16.55 -0.60 -4.73
C VAL D 92 15.51 -1.52 -4.08
N ARG D 93 15.75 -1.89 -2.82
CA ARG D 93 14.96 -2.93 -2.15
C ARG D 93 13.65 -2.33 -1.59
N LYS D 94 12.76 -3.22 -1.23
CA LYS D 94 11.44 -2.79 -0.83
C LYS D 94 11.33 -1.68 0.20
N GLY D 95 10.48 -0.69 -0.11
CA GLY D 95 10.19 0.37 0.86
C GLY D 95 11.29 1.38 1.01
N ALA D 96 12.39 1.29 0.25
CA ALA D 96 13.45 2.31 0.28
C ALA D 96 12.94 3.60 -0.35
N LEU D 97 13.60 4.70 -0.01
CA LEU D 97 13.31 6.03 -0.56
C LEU D 97 14.63 6.59 -1.10
N ILE D 98 14.64 7.02 -2.36
CA ILE D 98 15.81 7.68 -2.99
C ILE D 98 15.53 9.18 -3.06
N GLY D 99 16.21 9.96 -2.23
CA GLY D 99 16.02 11.41 -2.11
C GLY D 99 16.20 12.10 -3.44
N MET D 100 15.35 13.09 -3.70
CA MET D 100 15.38 13.91 -4.93
C MET D 100 16.83 14.39 -5.22
N GLY D 101 17.20 14.36 -6.50
CA GLY D 101 18.49 14.85 -7.03
C GLY D 101 19.66 13.95 -6.73
N SER D 102 19.39 12.70 -6.34
CA SER D 102 20.44 11.68 -6.06
C SER D 102 20.82 10.94 -7.33
N ILE D 103 21.99 10.32 -7.29
CA ILE D 103 22.53 9.47 -8.36
C ILE D 103 22.93 8.14 -7.73
N ILE D 104 22.34 7.06 -8.23
CA ILE D 104 22.60 5.69 -7.71
C ILE D 104 23.21 4.89 -8.87
N LEU D 105 24.45 4.45 -8.72
CA LEU D 105 25.26 3.94 -9.86
C LEU D 105 25.35 2.41 -9.86
N ASP D 106 26.09 1.88 -10.82
CA ASP D 106 25.96 0.48 -11.30
C ASP D 106 26.27 -0.52 -10.18
N GLY D 107 25.27 -1.37 -9.91
CA GLY D 107 25.37 -2.48 -8.95
C GLY D 107 25.29 -1.98 -7.51
N ALA D 108 25.06 -0.68 -7.28
CA ALA D 108 24.77 -0.16 -5.93
C ALA D 108 23.47 -0.81 -5.43
N GLU D 109 23.42 -1.14 -4.15
CA GLU D 109 22.25 -1.80 -3.53
C GLU D 109 21.78 -0.93 -2.36
N ILE D 110 20.53 -0.52 -2.41
CA ILE D 110 19.87 0.27 -1.35
C ILE D 110 18.98 -0.69 -0.54
N GLY D 111 19.36 -0.90 0.73
CA GLY D 111 18.68 -1.83 1.62
C GLY D 111 17.22 -1.55 1.82
N LYS D 112 16.46 -2.58 2.18
CA LYS D 112 15.01 -2.44 2.46
C LYS D 112 14.79 -1.30 3.47
N GLY D 113 13.85 -0.42 3.15
CA GLY D 113 13.42 0.69 4.01
C GLY D 113 14.48 1.73 4.32
N ALA D 114 15.61 1.75 3.59
CA ALA D 114 16.64 2.79 3.76
C ALA D 114 16.17 4.09 3.09
N PHE D 115 16.76 5.20 3.52
CA PHE D 115 16.46 6.57 3.07
C PHE D 115 17.78 7.15 2.59
N VAL D 116 17.91 7.40 1.28
CA VAL D 116 19.05 8.12 0.70
C VAL D 116 18.67 9.59 0.66
N GLY D 117 19.39 10.44 1.40
CA GLY D 117 19.05 11.87 1.49
C GLY D 117 19.18 12.55 0.15
N ALA D 118 18.44 13.65 -0.04
CA ALA D 118 18.48 14.47 -1.27
C ALA D 118 19.91 14.81 -1.66
N GLY D 119 20.20 14.75 -2.96
CA GLY D 119 21.45 15.24 -3.56
C GLY D 119 22.62 14.29 -3.36
N SER D 120 22.34 13.04 -2.98
CA SER D 120 23.42 12.07 -2.67
C SER D 120 23.97 11.40 -3.94
N LEU D 121 25.15 10.80 -3.81
CA LEU D 121 25.75 9.92 -4.83
C LEU D 121 26.12 8.62 -4.13
N VAL D 122 25.57 7.51 -4.62
CA VAL D 122 25.97 6.14 -4.18
C VAL D 122 26.79 5.51 -5.30
N PRO D 123 28.10 5.33 -5.08
CA PRO D 123 29.02 4.84 -6.11
C PRO D 123 28.79 3.39 -6.50
N PRO D 124 29.34 2.95 -7.65
CA PRO D 124 29.11 1.60 -8.14
C PRO D 124 29.47 0.55 -7.08
N GLY D 125 28.59 -0.42 -6.89
CA GLY D 125 28.81 -1.61 -6.06
C GLY D 125 28.59 -1.34 -4.58
N LYS D 126 28.32 -0.09 -4.18
CA LYS D 126 28.23 0.25 -2.74
C LYS D 126 26.86 -0.18 -2.19
N LYS D 127 26.83 -0.67 -0.96
CA LYS D 127 25.57 -1.11 -0.29
C LYS D 127 25.20 -0.13 0.81
N ILE D 128 23.95 0.31 0.83
CA ILE D 128 23.38 1.12 1.92
C ILE D 128 22.58 0.18 2.81
N PRO D 129 22.90 0.10 4.11
CA PRO D 129 22.24 -0.85 4.97
C PRO D 129 20.74 -0.58 5.11
N GLU D 130 19.98 -1.67 5.34
CA GLU D 130 18.51 -1.55 5.57
C GLU D 130 18.23 -0.54 6.71
N LYS D 131 17.15 0.24 6.56
CA LYS D 131 16.54 1.11 7.60
C LYS D 131 17.55 2.14 8.13
N THR D 132 18.50 2.61 7.31
CA THR D 132 19.39 3.73 7.69
C THR D 132 19.07 4.97 6.86
N LEU D 133 19.45 6.12 7.39
CA LEU D 133 19.58 7.38 6.63
C LEU D 133 21.04 7.45 6.20
N ALA D 134 21.29 7.65 4.91
CA ALA D 134 22.62 7.84 4.33
C ALA D 134 22.52 9.04 3.39
N PHE D 135 23.46 9.97 3.48
CA PHE D 135 23.53 11.07 2.49
C PHE D 135 24.97 11.53 2.32
N GLY D 136 25.17 12.27 1.25
CA GLY D 136 26.45 12.87 0.86
C GLY D 136 26.93 12.30 -0.47
N ARG D 137 28.14 12.70 -0.86
CA ARG D 137 28.77 12.27 -2.12
C ARG D 137 30.23 11.96 -1.80
N PRO D 138 30.62 10.69 -1.57
CA PRO D 138 29.68 9.54 -1.55
C PRO D 138 28.84 9.45 -0.27
N ALA D 139 27.67 8.80 -0.36
CA ALA D 139 26.70 8.68 0.75
C ALA D 139 27.34 7.91 1.93
N LYS D 140 27.16 8.42 3.13
CA LYS D 140 27.65 7.83 4.41
C LYS D 140 26.45 7.57 5.30
N VAL D 141 26.45 6.46 6.05
CA VAL D 141 25.39 6.18 7.05
C VAL D 141 25.44 7.27 8.14
N ILE D 142 24.29 7.86 8.43
CA ILE D 142 24.12 8.96 9.43
C ILE D 142 23.53 8.40 10.71
N ARG D 143 22.46 7.61 10.61
CA ARG D 143 21.65 7.17 11.76
C ARG D 143 20.72 6.05 11.32
N GLU D 144 20.17 5.35 12.30
CA GLU D 144 19.12 4.32 12.05
C GLU D 144 17.81 5.09 11.97
N LEU D 145 16.93 4.74 11.04
CA LEU D 145 15.63 5.42 10.92
C LEU D 145 14.73 5.07 12.13
N THR D 146 13.88 6.00 12.52
CA THR D 146 12.94 5.89 13.66
C THR D 146 11.53 5.71 13.12
N GLU D 147 10.58 5.49 14.02
CA GLU D 147 9.13 5.39 13.66
C GLU D 147 8.67 6.68 13.00
N GLU D 148 9.15 7.84 13.42
CA GLU D 148 8.81 9.16 12.82
C GLU D 148 9.26 9.16 11.35
N ASP D 149 10.46 8.68 11.06
CA ASP D 149 10.97 8.59 9.66
C ASP D 149 10.08 7.63 8.87
N LEU D 150 9.74 6.49 9.44
CA LEU D 150 8.92 5.48 8.72
C LEU D 150 7.54 6.08 8.42
N GLN D 151 6.98 6.87 9.34
CA GLN D 151 5.66 7.48 9.11
C GLN D 151 5.73 8.46 7.95
N ASP D 152 6.82 9.23 7.84
CA ASP D 152 7.05 10.17 6.72
C ASP D 152 7.12 9.38 5.40
N MET D 153 7.81 8.23 5.40
CA MET D 153 8.01 7.43 4.18
C MET D 153 6.65 6.84 3.76
N GLU D 154 5.84 6.42 4.74
CA GLU D 154 4.49 5.89 4.47
C GLU D 154 3.61 6.98 3.87
N ARG D 155 3.70 8.19 4.43
CA ARG D 155 2.81 9.32 3.99
C ARG D 155 3.11 9.63 2.53
N ILE D 156 4.38 9.74 2.16
CA ILE D 156 4.77 10.08 0.76
C ILE D 156 4.28 9.00 -0.20
N ARG D 157 4.52 7.73 0.11
CA ARG D 157 4.09 6.60 -0.76
C ARG D 157 2.57 6.66 -0.98
N ARG D 158 1.79 6.85 0.08
CA ARG D 158 0.30 6.81 -0.01
C ARG D 158 -0.20 8.07 -0.72
N GLU D 159 0.43 9.22 -0.48
CA GLU D 159 0.06 10.51 -1.17
C GLU D 159 0.29 10.33 -2.67
N TYR D 160 1.35 9.63 -3.09
CA TYR D 160 1.62 9.43 -4.55
C TYR D 160 0.60 8.49 -5.17
N ILE D 161 0.14 7.48 -4.44
CA ILE D 161 -0.93 6.59 -4.94
C ILE D 161 -2.15 7.47 -5.27
N GLU D 162 -2.51 8.37 -4.36
CA GLU D 162 -3.71 9.24 -4.51
C GLU D 162 -3.49 10.20 -5.67
N LYS D 163 -2.32 10.85 -5.74
CA LYS D 163 -2.07 11.83 -6.81
C LYS D 163 -2.11 11.12 -8.15
N ALA D 164 -1.52 9.93 -8.24
CA ALA D 164 -1.48 9.15 -9.50
C ALA D 164 -2.91 8.86 -9.94
N GLN D 165 -3.79 8.47 -9.01
CA GLN D 165 -5.20 8.13 -9.35
C GLN D 165 -5.87 9.39 -9.91
N TYR D 166 -5.60 10.54 -9.30
CA TYR D 166 -6.21 11.83 -9.71
C TYR D 166 -5.79 12.18 -11.14
N TYR D 167 -4.48 12.20 -11.39
CA TYR D 167 -3.97 12.61 -12.74
C TYR D 167 -4.37 11.60 -13.81
N LYS D 168 -4.35 10.31 -13.50
CA LYS D 168 -4.75 9.27 -14.47
C LYS D 168 -6.18 9.56 -14.96
N ASN D 169 -7.07 9.98 -14.06
CA ASN D 169 -8.47 10.38 -14.39
C ASN D 169 -8.49 11.66 -15.23
N ILE D 170 -7.75 12.70 -14.81
CA ILE D 170 -7.67 14.02 -15.53
C ILE D 170 -7.14 13.81 -16.95
N ALA D 171 -6.08 13.02 -17.11
CA ALA D 171 -5.35 12.86 -18.39
C ALA D 171 -6.28 12.29 -19.47
N SER E 1 8.10 13.11 -31.57
CA SER E 1 8.01 14.54 -31.56
C SER E 1 9.17 15.36 -31.03
N MET E 2 9.79 16.19 -31.85
CA MET E 2 10.83 17.10 -31.37
C MET E 2 10.51 18.53 -31.79
N VAL E 3 11.16 19.50 -31.20
CA VAL E 3 10.95 20.89 -31.56
C VAL E 3 12.26 21.50 -32.08
N ILE E 4 12.20 22.07 -33.28
CA ILE E 4 13.36 22.70 -33.90
C ILE E 4 12.96 24.13 -34.28
N TYR E 5 13.62 25.12 -33.71
CA TYR E 5 13.31 26.48 -34.00
C TYR E 5 14.53 27.29 -34.43
N PRO E 6 14.31 28.29 -35.27
CA PRO E 6 15.36 29.25 -35.56
C PRO E 6 15.57 30.18 -34.37
N TYR E 7 16.71 30.83 -34.32
CA TYR E 7 16.92 32.00 -33.45
C TYR E 7 17.52 33.12 -34.28
N LYS E 8 16.71 34.15 -34.56
CA LYS E 8 17.10 35.30 -35.41
C LYS E 8 17.55 34.73 -36.77
N ASP E 9 18.80 34.98 -37.17
CA ASP E 9 19.31 34.62 -38.52
C ASP E 9 19.90 33.21 -38.53
N LYS E 10 19.79 32.45 -37.43
CA LYS E 10 20.47 31.13 -37.29
C LYS E 10 19.43 30.03 -37.17
N LYS E 11 19.60 28.96 -37.93
CA LYS E 11 18.74 27.77 -37.79
C LYS E 11 19.64 26.55 -37.67
N PRO E 12 19.16 25.52 -36.94
CA PRO E 12 19.96 24.32 -36.75
C PRO E 12 20.31 23.63 -38.08
N ILE E 13 21.55 23.16 -38.19
CA ILE E 13 22.04 22.36 -39.35
C ILE E 13 22.33 20.97 -38.81
N ILE E 14 21.48 20.01 -39.15
CA ILE E 14 21.56 18.63 -38.60
C ILE E 14 21.79 17.64 -39.73
N SER E 15 22.86 16.87 -39.63
CA SER E 15 23.17 15.82 -40.65
C SER E 15 21.98 14.88 -40.83
N ASP E 16 21.73 14.44 -42.08
CA ASP E 16 20.66 13.46 -42.38
C ASP E 16 20.89 12.13 -41.67
N SER E 17 22.11 11.81 -41.23
CA SER E 17 22.40 10.50 -40.56
C SER E 17 22.31 10.65 -39.03
N ALA E 18 22.01 11.85 -38.52
CA ALA E 18 21.87 12.07 -37.06
C ALA E 18 20.51 11.56 -36.60
N TYR E 19 20.42 11.12 -35.35
CA TYR E 19 19.16 10.74 -34.68
C TYR E 19 18.79 11.83 -33.69
N ILE E 20 17.60 12.39 -33.82
CA ILE E 20 17.00 13.36 -32.88
C ILE E 20 15.80 12.65 -32.24
N ALA E 21 15.92 12.31 -30.96
CA ALA E 21 14.89 11.52 -30.25
C ALA E 21 13.65 12.38 -29.98
N ASP E 22 12.59 11.73 -29.45
CA ASP E 22 11.35 12.43 -29.05
C ASP E 22 11.60 13.37 -27.87
N PHE E 23 10.83 14.45 -27.81
CA PHE E 23 10.84 15.42 -26.70
C PHE E 23 12.16 16.19 -26.67
N VAL E 24 12.91 16.21 -27.78
CA VAL E 24 14.16 17.00 -27.90
C VAL E 24 13.80 18.40 -28.39
N THR E 25 14.45 19.41 -27.80
CA THR E 25 14.35 20.81 -28.24
C THR E 25 15.71 21.25 -28.79
N ILE E 26 15.78 21.75 -30.02
CA ILE E 26 17.03 22.32 -30.59
C ILE E 26 16.67 23.65 -31.23
N THR E 27 17.34 24.73 -30.82
CA THR E 27 17.08 26.07 -31.38
C THR E 27 18.36 26.76 -31.85
N GLY E 28 18.23 27.61 -32.86
CA GLY E 28 19.28 28.60 -33.20
C GLY E 28 20.53 27.98 -33.77
N ASP E 29 21.67 28.48 -33.31
CA ASP E 29 22.99 28.34 -33.97
C ASP E 29 23.59 27.02 -33.52
N VAL E 30 23.05 25.92 -34.02
CA VAL E 30 23.47 24.55 -33.62
C VAL E 30 23.80 23.77 -34.89
N GLN E 31 24.95 23.17 -34.91
CA GLN E 31 25.38 22.21 -35.96
C GLN E 31 25.60 20.85 -35.31
N ILE E 32 25.03 19.80 -35.90
CA ILE E 32 25.15 18.41 -35.41
C ILE E 32 25.60 17.52 -36.57
N GLY E 33 26.69 16.80 -36.34
CA GLY E 33 27.37 16.04 -37.40
C GLY E 33 26.80 14.66 -37.66
N ASP E 34 27.49 13.95 -38.55
CA ASP E 34 27.12 12.62 -39.06
C ASP E 34 27.08 11.59 -37.93
N GLU E 35 26.03 10.77 -37.92
CA GLU E 35 25.90 9.58 -37.05
C GLU E 35 25.88 10.01 -35.57
N SER E 36 25.63 11.28 -35.30
CA SER E 36 25.49 11.79 -33.93
C SER E 36 24.05 11.56 -33.46
N SER E 37 23.84 11.52 -32.15
CA SER E 37 22.53 11.14 -31.59
C SER E 37 22.23 12.04 -30.39
N ILE E 38 21.05 12.65 -30.41
CA ILE E 38 20.56 13.53 -29.31
C ILE E 38 19.36 12.80 -28.70
N TRP E 39 19.50 12.37 -27.46
CA TRP E 39 18.56 11.40 -26.84
C TRP E 39 17.44 12.13 -26.09
N PHE E 40 16.46 11.37 -25.62
CA PHE E 40 15.15 11.86 -25.15
C PHE E 40 15.29 13.01 -24.16
N GLN E 41 14.46 14.03 -24.31
CA GLN E 41 14.23 15.13 -23.33
C GLN E 41 15.40 16.12 -23.33
N THR E 42 16.40 15.95 -24.17
CA THR E 42 17.57 16.88 -24.21
C THR E 42 17.16 18.24 -24.78
N VAL E 43 17.75 19.30 -24.26
CA VAL E 43 17.56 20.68 -24.72
C VAL E 43 18.92 21.21 -25.19
N ILE E 44 18.96 21.68 -26.45
CA ILE E 44 20.13 22.43 -26.98
C ILE E 44 19.62 23.78 -27.46
N ARG E 45 19.80 24.83 -26.66
CA ARG E 45 19.35 26.18 -27.05
C ARG E 45 20.56 26.94 -27.59
N GLY E 46 20.58 27.22 -28.89
CA GLY E 46 21.70 27.89 -29.56
C GLY E 46 21.46 29.37 -29.70
N ASP E 47 21.16 30.08 -28.61
CA ASP E 47 20.65 31.46 -28.69
C ASP E 47 21.58 32.46 -27.99
N VAL E 48 22.78 32.04 -27.53
CA VAL E 48 23.74 32.96 -26.89
C VAL E 48 25.07 32.95 -27.66
N ALA E 49 25.60 31.77 -27.98
CA ALA E 49 26.89 31.64 -28.69
C ALA E 49 26.79 30.36 -29.50
N PRO E 50 27.66 30.15 -30.50
CA PRO E 50 27.56 28.99 -31.35
C PRO E 50 27.68 27.67 -30.59
N THR E 51 26.96 26.66 -31.06
CA THR E 51 27.07 25.25 -30.62
C THR E 51 27.49 24.41 -31.83
N ILE E 52 28.60 23.71 -31.72
CA ILE E 52 29.13 22.85 -32.79
C ILE E 52 29.35 21.46 -32.21
N ILE E 53 28.56 20.51 -32.68
CA ILE E 53 28.64 19.09 -32.29
C ILE E 53 29.15 18.31 -33.49
N GLY E 54 30.22 17.56 -33.28
CA GLY E 54 30.90 16.80 -34.35
C GLY E 54 30.18 15.53 -34.73
N ASN E 55 30.93 14.59 -35.30
CA ASN E 55 30.43 13.32 -35.86
C ASN E 55 30.53 12.22 -34.78
N ARG E 56 29.59 11.28 -34.80
CA ARG E 56 29.58 10.08 -33.93
C ARG E 56 29.57 10.50 -32.46
N VAL E 57 28.94 11.62 -32.16
CA VAL E 57 28.75 12.11 -30.77
C VAL E 57 27.41 11.57 -30.28
N ASN E 58 27.35 11.08 -29.04
CA ASN E 58 26.05 10.80 -28.38
C ASN E 58 25.88 11.79 -27.24
N ILE E 59 24.75 12.49 -27.22
CA ILE E 59 24.30 13.36 -26.12
C ILE E 59 23.11 12.63 -25.51
N GLN E 60 23.30 12.04 -24.33
CA GLN E 60 22.33 11.10 -23.75
C GLN E 60 21.12 11.87 -23.18
N ASP E 61 20.21 11.15 -22.56
CA ASP E 61 18.88 11.66 -22.18
C ASP E 61 18.98 12.80 -21.17
N GLN E 62 18.09 13.78 -21.28
CA GLN E 62 17.84 14.82 -20.26
C GLN E 62 19.09 15.69 -20.07
N CYS E 63 19.88 15.88 -21.11
CA CYS E 63 21.02 16.84 -21.07
C CYS E 63 20.51 18.24 -21.37
N CYS E 64 21.27 19.24 -20.91
CA CYS E 64 21.00 20.66 -21.19
C CYS E 64 22.31 21.27 -21.71
N LEU E 65 22.28 21.78 -22.92
CA LEU E 65 23.43 22.42 -23.61
C LEU E 65 23.08 23.89 -23.82
N HIS E 66 23.87 24.79 -23.28
CA HIS E 66 23.64 26.26 -23.40
C HIS E 66 25.00 26.96 -23.44
N GLN E 67 24.98 28.29 -23.59
CA GLN E 67 26.23 29.08 -23.66
C GLN E 67 26.07 30.36 -22.82
N SER E 68 27.22 30.94 -22.47
CA SER E 68 27.38 32.33 -22.00
C SER E 68 27.96 33.15 -23.16
N PRO E 69 27.75 34.49 -23.18
CA PRO E 69 28.21 35.30 -24.30
C PRO E 69 29.68 35.09 -24.68
N ASN E 70 29.93 34.94 -25.98
CA ASN E 70 31.29 34.93 -26.59
C ASN E 70 32.04 33.66 -26.18
N LYS E 71 31.34 32.63 -25.67
CA LYS E 71 31.97 31.36 -25.26
C LYS E 71 31.23 30.23 -25.96
N PRO E 72 31.75 29.76 -27.11
CA PRO E 72 31.08 28.74 -27.87
C PRO E 72 31.02 27.41 -27.11
N LEU E 73 30.00 26.62 -27.38
CA LEU E 73 29.89 25.24 -26.86
C LEU E 73 30.39 24.33 -27.98
N ILE E 74 31.53 23.68 -27.77
CA ILE E 74 32.19 22.88 -28.84
C ILE E 74 32.33 21.45 -28.33
N ILE E 75 31.71 20.52 -29.04
CA ILE E 75 31.79 19.09 -28.70
C ILE E 75 32.35 18.38 -29.94
N GLU E 76 33.59 17.91 -29.81
CA GLU E 76 34.33 17.38 -30.98
C GLU E 76 33.86 15.95 -31.28
N ASP E 77 34.38 15.37 -32.36
CA ASP E 77 33.99 14.01 -32.81
C ASP E 77 34.15 12.97 -31.70
N ASP E 78 33.28 11.96 -31.72
CA ASP E 78 33.49 10.69 -30.98
C ASP E 78 33.31 10.89 -29.48
N VAL E 79 32.70 12.00 -29.08
CA VAL E 79 32.44 12.28 -27.64
C VAL E 79 31.18 11.54 -27.19
N THR E 80 31.22 11.05 -25.96
CA THR E 80 30.04 10.54 -25.22
C THR E 80 29.69 11.54 -24.12
N VAL E 81 28.44 12.01 -24.10
CA VAL E 81 27.93 12.85 -23.01
C VAL E 81 26.82 12.09 -22.28
N GLY E 82 27.08 11.74 -21.02
CA GLY E 82 26.21 10.90 -20.18
C GLY E 82 24.86 11.52 -19.88
N HIS E 83 23.94 10.69 -19.40
CA HIS E 83 22.58 11.13 -18.99
C HIS E 83 22.66 12.34 -18.07
N GLN E 84 21.73 13.29 -18.22
CA GLN E 84 21.44 14.35 -17.24
C GLN E 84 22.65 15.26 -17.05
N VAL E 85 23.49 15.38 -18.07
CA VAL E 85 24.65 16.29 -18.00
C VAL E 85 24.21 17.70 -18.37
N LEU E 86 24.86 18.69 -17.77
CA LEU E 86 24.74 20.13 -18.10
C LEU E 86 26.08 20.57 -18.69
N LEU E 87 26.05 21.03 -19.93
CA LEU E 87 27.24 21.65 -20.60
C LEU E 87 26.91 23.12 -20.81
N HIS E 88 27.74 24.02 -20.29
CA HIS E 88 27.50 25.47 -20.42
C HIS E 88 28.80 26.07 -20.98
N SER E 89 28.86 26.31 -22.28
CA SER E 89 30.06 26.89 -22.95
C SER E 89 31.29 26.01 -22.66
N ALA E 90 31.10 24.70 -22.67
CA ALA E 90 32.20 23.72 -22.47
C ALA E 90 32.92 23.51 -23.82
N ILE E 91 34.23 23.22 -23.74
CA ILE E 91 35.03 22.70 -24.88
C ILE E 91 35.33 21.23 -24.56
N VAL E 92 34.74 20.32 -25.33
CA VAL E 92 34.89 18.86 -25.09
C VAL E 92 35.64 18.26 -26.28
N ARG E 93 36.89 17.82 -26.06
CA ARG E 93 37.78 17.43 -27.16
C ARG E 93 37.51 16.01 -27.60
N LYS E 94 38.00 15.67 -28.78
CA LYS E 94 37.70 14.40 -29.48
C LYS E 94 37.86 13.18 -28.55
N GLY E 95 36.83 12.32 -28.52
CA GLY E 95 36.87 11.02 -27.84
C GLY E 95 36.75 11.10 -26.32
N ALA E 96 36.52 12.29 -25.75
CA ALA E 96 36.27 12.43 -24.31
C ALA E 96 34.93 11.82 -23.93
N LEU E 97 34.79 11.52 -22.66
CA LEU E 97 33.52 10.98 -22.09
C LEU E 97 33.17 11.85 -20.89
N ILE E 98 31.94 12.38 -20.86
CA ILE E 98 31.41 13.18 -19.73
C ILE E 98 30.45 12.28 -18.94
N GLY E 99 30.88 11.84 -17.76
CA GLY E 99 30.07 10.94 -16.92
C GLY E 99 28.68 11.51 -16.63
N MET E 100 27.70 10.62 -16.61
CA MET E 100 26.30 10.95 -16.31
C MET E 100 26.21 11.79 -15.02
N GLY E 101 25.34 12.79 -15.02
CA GLY E 101 25.03 13.64 -13.86
C GLY E 101 26.08 14.69 -13.58
N SER E 102 27.03 14.91 -14.51
CA SER E 102 28.09 15.93 -14.37
C SER E 102 27.60 17.29 -14.84
N ILE E 103 28.31 18.32 -14.41
CA ILE E 103 28.09 19.72 -14.83
C ILE E 103 29.45 20.27 -15.26
N ILE E 104 29.51 20.76 -16.48
CA ILE E 104 30.75 21.31 -17.08
C ILE E 104 30.48 22.78 -17.39
N LEU E 105 31.24 23.69 -16.77
CA LEU E 105 30.86 25.13 -16.77
C LEU E 105 31.76 25.96 -17.70
N ASP E 106 31.49 27.26 -17.73
CA ASP E 106 31.87 28.15 -18.87
C ASP E 106 33.39 28.15 -19.07
N GLY E 107 33.80 27.80 -20.27
CA GLY E 107 35.19 27.87 -20.72
C GLY E 107 36.00 26.70 -20.20
N ALA E 108 35.38 25.76 -19.46
CA ALA E 108 36.07 24.51 -19.04
C ALA E 108 36.41 23.71 -20.30
N GLU E 109 37.58 23.08 -20.29
CA GLU E 109 38.10 22.32 -21.44
C GLU E 109 38.42 20.90 -20.99
N ILE E 110 37.77 19.94 -21.63
CA ILE E 110 38.01 18.50 -21.36
C ILE E 110 38.90 17.95 -22.46
N GLY E 111 40.14 17.57 -22.08
CA GLY E 111 41.17 17.09 -23.02
C GLY E 111 40.76 15.85 -23.78
N LYS E 112 41.37 15.66 -24.94
CA LYS E 112 41.11 14.52 -25.85
C LYS E 112 41.16 13.22 -25.06
N GLY E 113 40.14 12.38 -25.22
CA GLY E 113 40.07 11.05 -24.59
C GLY E 113 40.03 11.06 -23.07
N ALA E 114 39.75 12.19 -22.42
CA ALA E 114 39.62 12.23 -20.94
C ALA E 114 38.25 11.70 -20.53
N PHE E 115 38.17 11.26 -19.27
CA PHE E 115 36.97 10.65 -18.66
C PHE E 115 36.63 11.48 -17.45
N VAL E 116 35.50 12.20 -17.49
CA VAL E 116 34.96 12.90 -16.29
C VAL E 116 34.00 11.92 -15.60
N GLY E 117 34.29 11.53 -14.38
CA GLY E 117 33.48 10.54 -13.63
C GLY E 117 32.06 11.08 -13.39
N ALA E 118 31.10 10.18 -13.24
CA ALA E 118 29.69 10.52 -12.91
C ALA E 118 29.63 11.50 -11.73
N GLY E 119 28.72 12.47 -11.82
CA GLY E 119 28.34 13.38 -10.75
C GLY E 119 29.33 14.48 -10.51
N SER E 120 30.27 14.70 -11.44
CA SER E 120 31.37 15.68 -11.25
C SER E 120 30.88 17.10 -11.54
N LEU E 121 31.63 18.08 -11.02
CA LEU E 121 31.49 19.51 -11.38
C LEU E 121 32.85 19.99 -11.84
N VAL E 122 32.93 20.47 -13.09
CA VAL E 122 34.18 21.11 -13.62
C VAL E 122 33.92 22.60 -13.68
N PRO E 123 34.59 23.39 -12.82
CA PRO E 123 34.32 24.82 -12.69
C PRO E 123 34.74 25.61 -13.91
N PRO E 124 34.25 26.87 -14.04
CA PRO E 124 34.60 27.70 -15.19
C PRO E 124 36.11 27.79 -15.40
N GLY E 125 36.55 27.60 -16.64
CA GLY E 125 37.94 27.83 -17.10
C GLY E 125 38.87 26.70 -16.72
N LYS E 126 38.41 25.66 -16.03
CA LYS E 126 39.28 24.54 -15.58
C LYS E 126 39.56 23.60 -16.75
N LYS E 127 40.80 23.11 -16.82
CA LYS E 127 41.26 22.21 -17.90
C LYS E 127 41.45 20.81 -17.31
N ILE E 128 40.87 19.81 -17.95
CA ILE E 128 41.11 18.39 -17.60
C ILE E 128 42.09 17.86 -18.61
N PRO E 129 43.28 17.37 -18.19
CA PRO E 129 44.28 16.93 -19.15
C PRO E 129 43.81 15.74 -19.99
N GLU E 130 44.36 15.62 -21.20
CA GLU E 130 44.06 14.49 -22.13
C GLU E 130 44.28 13.14 -21.43
N LYS E 131 43.37 12.20 -21.68
CA LYS E 131 43.52 10.76 -21.32
C LYS E 131 43.69 10.60 -19.80
N THR E 132 43.07 11.46 -19.00
CA THR E 132 43.02 11.26 -17.53
C THR E 132 41.58 10.97 -17.08
N LEU E 133 41.46 10.34 -15.92
CA LEU E 133 40.22 10.24 -15.14
C LEU E 133 40.20 11.40 -14.16
N ALA E 134 39.13 12.19 -14.12
CA ALA E 134 38.90 13.25 -13.14
C ALA E 134 37.48 13.10 -12.61
N PHE E 135 37.29 13.26 -11.31
CA PHE E 135 35.93 13.26 -10.72
C PHE E 135 35.95 14.05 -9.44
N GLY E 136 34.74 14.39 -8.98
CA GLY E 136 34.49 15.13 -7.75
C GLY E 136 33.89 16.50 -8.02
N ARG E 137 33.68 17.27 -6.96
CA ARG E 137 33.06 18.62 -7.03
C ARG E 137 33.84 19.56 -6.12
N PRO E 138 34.82 20.35 -6.65
CA PRO E 138 35.21 20.32 -8.06
C PRO E 138 36.07 19.12 -8.45
N ALA E 139 36.06 18.76 -9.74
CA ALA E 139 36.75 17.56 -10.28
C ALA E 139 38.26 17.71 -10.07
N LYS E 140 38.87 16.62 -9.60
CA LYS E 140 40.34 16.46 -9.42
C LYS E 140 40.81 15.36 -10.37
N VAL E 141 41.97 15.56 -10.98
CA VAL E 141 42.65 14.48 -11.75
C VAL E 141 43.01 13.36 -10.77
N ILE E 142 42.63 12.13 -11.10
CA ILE E 142 42.81 10.93 -10.23
C ILE E 142 43.98 10.09 -10.74
N ARG E 143 44.02 9.81 -12.05
CA ARG E 143 44.99 8.87 -12.65
C ARG E 143 44.96 9.03 -14.18
N GLU E 144 45.95 8.44 -14.84
CA GLU E 144 45.97 8.31 -16.31
C GLU E 144 45.05 7.16 -16.68
N LEU E 145 44.29 7.27 -17.77
CA LEU E 145 43.47 6.16 -18.27
C LEU E 145 44.37 5.07 -18.83
N THR E 146 43.89 3.83 -18.76
CA THR E 146 44.56 2.64 -19.33
C THR E 146 43.91 2.27 -20.65
N GLU E 147 44.52 1.31 -21.36
CA GLU E 147 43.97 0.82 -22.64
C GLU E 147 42.59 0.19 -22.39
N GLU E 148 42.40 -0.47 -21.24
CA GLU E 148 41.09 -1.06 -20.83
C GLU E 148 40.02 0.04 -20.76
N ASP E 149 40.35 1.18 -20.14
CA ASP E 149 39.41 2.35 -20.04
C ASP E 149 39.06 2.82 -21.45
N LEU E 150 40.08 2.96 -22.30
CA LEU E 150 39.86 3.52 -23.67
C LEU E 150 39.00 2.54 -24.48
N GLN E 151 39.18 1.24 -24.29
CA GLN E 151 38.40 0.23 -25.07
C GLN E 151 36.93 0.30 -24.62
N ASP E 152 36.68 0.52 -23.32
CA ASP E 152 35.30 0.69 -22.81
C ASP E 152 34.67 1.93 -23.42
N MET E 153 35.44 3.01 -23.57
CA MET E 153 34.94 4.29 -24.13
C MET E 153 34.60 4.08 -25.61
N GLU E 154 35.44 3.32 -26.33
CA GLU E 154 35.18 2.96 -27.74
C GLU E 154 33.88 2.13 -27.85
N ARG E 155 33.70 1.17 -26.95
CA ARG E 155 32.53 0.25 -26.99
C ARG E 155 31.24 1.07 -26.84
N ILE E 156 31.20 1.99 -25.87
CA ILE E 156 29.99 2.82 -25.59
C ILE E 156 29.69 3.68 -26.82
N ARG E 157 30.69 4.36 -27.39
CA ARG E 157 30.51 5.21 -28.59
C ARG E 157 29.88 4.39 -29.73
N ARG E 158 30.42 3.20 -30.00
CA ARG E 158 29.98 2.38 -31.16
C ARG E 158 28.55 1.85 -30.89
N GLU E 159 28.30 1.42 -29.65
CA GLU E 159 26.97 0.90 -29.24
C GLU E 159 25.92 2.01 -29.44
N TYR E 160 26.24 3.26 -29.13
CA TYR E 160 25.25 4.37 -29.26
C TYR E 160 24.96 4.65 -30.74
N ILE E 161 25.96 4.56 -31.60
CA ILE E 161 25.73 4.73 -33.07
C ILE E 161 24.68 3.70 -33.51
N GLU E 162 24.85 2.45 -33.10
CA GLU E 162 23.95 1.34 -33.49
C GLU E 162 22.57 1.56 -32.90
N LYS E 163 22.48 1.92 -31.62
CA LYS E 163 21.17 2.09 -30.96
C LYS E 163 20.44 3.26 -31.61
N ALA E 164 21.15 4.34 -31.94
CA ALA E 164 20.56 5.51 -32.61
C ALA E 164 19.92 5.07 -33.93
N GLN E 165 20.60 4.24 -34.71
CA GLN E 165 20.06 3.79 -36.02
C GLN E 165 18.80 2.95 -35.77
N TYR E 166 18.79 2.13 -34.72
CA TYR E 166 17.62 1.28 -34.35
C TYR E 166 16.41 2.17 -34.03
N TYR E 167 16.56 3.12 -33.09
CA TYR E 167 15.43 3.97 -32.67
C TYR E 167 14.96 4.88 -33.81
N LYS E 168 15.90 5.41 -34.61
CA LYS E 168 15.53 6.29 -35.76
C LYS E 168 14.59 5.52 -36.68
N ASN E 169 14.84 4.22 -36.90
CA ASN E 169 13.97 3.34 -37.73
C ASN E 169 12.62 3.11 -37.03
N ILE E 170 12.62 2.76 -35.74
CA ILE E 170 11.38 2.50 -34.94
C ILE E 170 10.51 3.77 -34.92
N ALA E 171 11.10 4.94 -34.68
CA ALA E 171 10.39 6.24 -34.65
C ALA E 171 9.83 6.52 -36.05
N SER F 1 3.17 23.51 -27.12
CA SER F 1 3.23 22.09 -26.88
C SER F 1 3.48 21.79 -25.40
N MET F 2 2.67 22.34 -24.55
CA MET F 2 2.79 22.10 -23.14
C MET F 2 1.54 21.48 -22.54
N VAL F 3 1.62 21.09 -21.28
CA VAL F 3 0.48 20.52 -20.58
C VAL F 3 0.12 21.38 -19.38
N ILE F 4 -1.15 21.79 -19.30
CA ILE F 4 -1.64 22.57 -18.17
C ILE F 4 -2.84 21.85 -17.59
N TYR F 5 -2.77 21.43 -16.34
CA TYR F 5 -3.84 20.69 -15.72
C TYR F 5 -4.31 21.28 -14.42
N PRO F 6 -5.64 21.17 -14.12
CA PRO F 6 -6.11 21.55 -12.80
C PRO F 6 -5.66 20.49 -11.79
N TYR F 7 -5.66 20.84 -10.51
CA TYR F 7 -5.60 19.85 -9.41
C TYR F 7 -6.72 20.17 -8.42
N LYS F 8 -7.75 19.32 -8.41
CA LYS F 8 -8.95 19.48 -7.54
C LYS F 8 -9.55 20.87 -7.83
N ASP F 9 -9.62 21.75 -6.83
CA ASP F 9 -10.33 23.05 -6.95
C ASP F 9 -9.39 24.15 -7.47
N LYS F 10 -8.14 23.83 -7.83
CA LYS F 10 -7.11 24.83 -8.19
C LYS F 10 -6.70 24.63 -9.65
N LYS F 11 -6.62 25.72 -10.42
CA LYS F 11 -6.04 25.66 -11.78
C LYS F 11 -5.02 26.77 -11.90
N PRO F 12 -3.99 26.57 -12.75
CA PRO F 12 -2.95 27.58 -12.92
C PRO F 12 -3.52 28.92 -13.42
N ILE F 13 -3.01 30.00 -12.86
CA ILE F 13 -3.34 31.39 -13.25
C ILE F 13 -2.06 32.00 -13.80
N ILE F 14 -2.02 32.16 -15.12
CA ILE F 14 -0.78 32.54 -15.86
C ILE F 14 -1.04 33.85 -16.59
N SER F 15 -0.22 34.85 -16.31
CA SER F 15 -0.32 36.18 -16.97
C SER F 15 -0.29 36.02 -18.50
N ASP F 16 -1.06 36.84 -19.20
CA ASP F 16 -1.07 36.88 -20.70
C ASP F 16 0.34 37.22 -21.25
N SER F 17 1.21 37.88 -20.49
CA SER F 17 2.55 38.29 -20.99
C SER F 17 3.61 37.23 -20.64
N ALA F 18 3.24 36.14 -19.96
CA ALA F 18 4.19 35.06 -19.61
C ALA F 18 4.43 34.18 -20.82
N TYR F 19 5.62 33.58 -20.89
CA TYR F 19 6.00 32.61 -21.95
C TYR F 19 6.07 31.23 -21.32
N ILE F 20 5.30 30.29 -21.85
CA ILE F 20 5.33 28.86 -21.46
C ILE F 20 5.89 28.07 -22.64
N ALA F 21 7.11 27.55 -22.51
CA ALA F 21 7.81 26.86 -23.61
C ALA F 21 7.20 25.49 -23.87
N ASP F 22 7.67 24.83 -24.92
CA ASP F 22 7.30 23.46 -25.31
C ASP F 22 7.75 22.45 -24.23
N PHE F 23 6.97 21.39 -24.09
CA PHE F 23 7.25 20.24 -23.19
C PHE F 23 7.23 20.68 -21.72
N VAL F 24 6.61 21.81 -21.41
CA VAL F 24 6.42 22.29 -20.02
C VAL F 24 5.13 21.66 -19.46
N THR F 25 5.22 21.23 -18.21
CA THR F 25 4.05 20.74 -17.44
C THR F 25 3.78 21.71 -16.30
N ILE F 26 2.55 22.25 -16.21
CA ILE F 26 2.14 23.09 -15.05
C ILE F 26 0.79 22.58 -14.56
N THR F 27 0.68 22.24 -13.29
CA THR F 27 -0.60 21.74 -12.72
C THR F 27 -0.98 22.48 -11.44
N GLY F 28 -2.29 22.55 -11.19
CA GLY F 28 -2.82 22.88 -9.86
C GLY F 28 -2.59 24.32 -9.46
N ASP F 29 -2.20 24.51 -8.20
CA ASP F 29 -2.25 25.81 -7.49
C ASP F 29 -1.00 26.58 -7.82
N VAL F 30 -0.92 27.09 -9.06
CA VAL F 30 0.28 27.82 -9.57
C VAL F 30 -0.19 29.16 -10.09
N GLN F 31 0.48 30.21 -9.62
CA GLN F 31 0.33 31.58 -10.18
C GLN F 31 1.66 32.01 -10.79
N ILE F 32 1.62 32.51 -12.01
CA ILE F 32 2.82 32.98 -12.75
C ILE F 32 2.56 34.41 -13.24
N GLY F 33 3.45 35.31 -12.85
CA GLY F 33 3.25 36.75 -13.08
C GLY F 33 3.68 37.24 -14.44
N ASP F 34 3.58 38.56 -14.59
CA ASP F 34 3.82 39.30 -15.84
C ASP F 34 5.27 39.14 -16.31
N GLU F 35 5.45 38.89 -17.60
CA GLU F 35 6.75 38.88 -18.30
C GLU F 35 7.63 37.77 -17.73
N SER F 36 7.05 36.81 -17.04
CA SER F 36 7.80 35.65 -16.52
C SER F 36 7.89 34.58 -17.60
N SER F 37 8.86 33.68 -17.50
CA SER F 37 9.13 32.69 -18.58
C SER F 37 9.48 31.35 -17.97
N ILE F 38 8.82 30.32 -18.45
CA ILE F 38 9.04 28.92 -18.01
C ILE F 38 9.58 28.18 -19.22
N TRP F 39 10.85 27.73 -19.14
CA TRP F 39 11.61 27.27 -20.31
C TRP F 39 11.45 25.74 -20.49
N PHE F 40 11.97 25.25 -21.59
CA PHE F 40 11.71 23.89 -22.14
C PHE F 40 11.89 22.81 -21.08
N GLN F 41 10.94 21.87 -21.05
CA GLN F 41 11.02 20.60 -20.28
C GLN F 41 10.82 20.83 -18.77
N THR F 42 10.53 22.03 -18.32
CA THR F 42 10.30 22.32 -16.89
C THR F 42 8.99 21.72 -16.42
N VAL F 43 8.96 21.25 -15.17
CA VAL F 43 7.76 20.72 -14.49
C VAL F 43 7.48 21.58 -13.25
N ILE F 44 6.25 22.10 -13.14
CA ILE F 44 5.76 22.82 -11.95
C ILE F 44 4.47 22.14 -11.54
N ARG F 45 4.53 21.27 -10.54
CA ARG F 45 3.33 20.54 -10.06
C ARG F 45 2.83 21.23 -8.81
N GLY F 46 1.67 21.87 -8.89
CA GLY F 46 1.10 22.63 -7.77
C GLY F 46 0.07 21.82 -7.01
N ASP F 47 0.43 20.63 -6.55
CA ASP F 47 -0.56 19.65 -6.04
C ASP F 47 -0.31 19.31 -4.58
N VAL F 48 0.62 19.96 -3.89
CA VAL F 48 0.88 19.68 -2.44
C VAL F 48 0.67 20.97 -1.63
N ALA F 49 1.23 22.10 -2.08
CA ALA F 49 1.12 23.40 -1.38
C ALA F 49 1.16 24.48 -2.45
N PRO F 50 0.69 25.71 -2.16
CA PRO F 50 0.66 26.73 -3.19
C PRO F 50 2.03 27.07 -3.78
N THR F 51 2.04 27.41 -5.07
CA THR F 51 3.21 27.92 -5.79
C THR F 51 2.89 29.32 -6.33
N ILE F 52 3.67 30.31 -5.94
CA ILE F 52 3.47 31.71 -6.36
C ILE F 52 4.77 32.20 -6.98
N ILE F 53 4.72 32.43 -8.29
CA ILE F 53 5.86 32.95 -9.07
C ILE F 53 5.51 34.38 -9.49
N GLY F 54 6.41 35.30 -9.16
CA GLY F 54 6.21 36.74 -9.37
C GLY F 54 6.42 37.15 -10.81
N ASN F 55 6.68 38.44 -11.00
CA ASN F 55 6.84 39.09 -12.31
C ASN F 55 8.31 39.07 -12.73
N ARG F 56 8.57 38.97 -14.04
CA ARG F 56 9.92 39.08 -14.66
C ARG F 56 10.82 37.98 -14.08
N VAL F 57 10.25 36.84 -13.73
CA VAL F 57 10.99 35.63 -13.28
C VAL F 57 11.31 34.78 -14.51
N ASN F 58 12.53 34.26 -14.61
CA ASN F 58 12.81 33.17 -15.58
C ASN F 58 13.10 31.89 -14.82
N ILE F 59 12.40 30.83 -15.18
CA ILE F 59 12.66 29.45 -14.70
C ILE F 59 13.24 28.71 -15.91
N GLN F 60 14.53 28.43 -15.91
CA GLN F 60 15.23 27.95 -17.12
C GLN F 60 14.90 26.47 -17.37
N ASP F 61 15.55 25.89 -18.36
CA ASP F 61 15.19 24.57 -18.92
C ASP F 61 15.36 23.45 -17.87
N GLN F 62 14.47 22.48 -17.91
CA GLN F 62 14.60 21.21 -17.17
C GLN F 62 14.62 21.42 -15.66
N CYS F 63 13.91 22.45 -15.17
CA CYS F 63 13.74 22.65 -13.71
C CYS F 63 12.57 21.79 -13.22
N CYS F 64 12.58 21.51 -11.92
CA CYS F 64 11.48 20.82 -11.25
C CYS F 64 11.10 21.64 -10.02
N LEU F 65 9.85 22.11 -9.97
CA LEU F 65 9.31 22.92 -8.86
C LEU F 65 8.19 22.10 -8.21
N HIS F 66 8.33 21.82 -6.92
CA HIS F 66 7.34 21.01 -6.16
C HIS F 66 7.31 21.48 -4.72
N GLN F 67 6.44 20.88 -3.90
CA GLN F 67 6.30 21.27 -2.49
C GLN F 67 6.18 20.03 -1.62
N SER F 68 6.47 20.23 -0.34
CA SER F 68 6.10 19.31 0.77
C SER F 68 4.92 19.94 1.51
N PRO F 69 4.12 19.14 2.24
CA PRO F 69 2.91 19.66 2.88
C PRO F 69 3.15 20.90 3.73
N ASN F 70 2.27 21.88 3.57
CA ASN F 70 2.14 23.09 4.41
C ASN F 70 3.35 24.00 4.21
N LYS F 71 4.13 23.81 3.14
CA LYS F 71 5.33 24.64 2.87
C LYS F 71 5.22 25.18 1.45
N PRO F 72 4.72 26.42 1.29
CA PRO F 72 4.51 26.99 -0.04
C PRO F 72 5.85 27.16 -0.80
N LEU F 73 5.78 27.08 -2.12
CA LEU F 73 6.93 27.41 -3.00
C LEU F 73 6.71 28.86 -3.47
N ILE F 74 7.58 29.75 -3.01
CA ILE F 74 7.44 31.22 -3.27
C ILE F 74 8.68 31.67 -4.04
N ILE F 75 8.46 32.19 -5.24
CA ILE F 75 9.54 32.74 -6.08
C ILE F 75 9.14 34.18 -6.40
N GLU F 76 9.82 35.13 -5.78
CA GLU F 76 9.39 36.54 -5.84
C GLU F 76 9.83 37.16 -7.16
N ASP F 77 9.46 38.43 -7.36
CA ASP F 77 9.76 39.14 -8.63
C ASP F 77 11.25 39.10 -8.97
N ASP F 78 11.58 39.10 -10.25
CA ASP F 78 12.91 39.45 -10.78
C ASP F 78 13.91 38.33 -10.46
N VAL F 79 13.44 37.15 -10.08
CA VAL F 79 14.34 36.00 -9.78
C VAL F 79 14.76 35.33 -11.11
N THR F 80 15.99 34.87 -11.15
CA THR F 80 16.53 33.95 -12.18
C THR F 80 16.73 32.58 -11.54
N VAL F 81 16.14 31.56 -12.14
CA VAL F 81 16.38 30.14 -11.72
C VAL F 81 17.08 29.42 -12.87
N GLY F 82 18.32 29.01 -12.63
CA GLY F 82 19.21 28.41 -13.65
C GLY F 82 18.74 27.06 -14.17
N HIS F 83 19.32 26.63 -15.28
CA HIS F 83 19.02 25.30 -15.90
C HIS F 83 19.06 24.18 -14.86
N GLN F 84 18.14 23.21 -14.94
CA GLN F 84 18.23 21.90 -14.23
C GLN F 84 18.22 22.11 -12.71
N VAL F 85 17.60 23.17 -12.23
CA VAL F 85 17.46 23.41 -10.77
C VAL F 85 16.25 22.63 -10.24
N LEU F 86 16.35 22.18 -9.00
CA LEU F 86 15.26 21.58 -8.21
C LEU F 86 14.93 22.56 -7.08
N LEU F 87 13.69 23.04 -7.04
CA LEU F 87 13.15 23.88 -5.94
C LEU F 87 12.05 23.08 -5.25
N HIS F 88 12.20 22.80 -3.97
CA HIS F 88 11.21 22.00 -3.21
C HIS F 88 10.78 22.81 -1.99
N SER F 89 9.64 23.50 -2.06
CA SER F 89 9.13 24.34 -0.95
C SER F 89 10.19 25.38 -0.58
N ALA F 90 10.89 25.91 -1.59
CA ALA F 90 11.90 26.96 -1.42
C ALA F 90 11.20 28.31 -1.32
N ILE F 91 11.77 29.23 -0.54
CA ILE F 91 11.35 30.65 -0.52
C ILE F 91 12.50 31.44 -1.16
N VAL F 92 12.29 31.95 -2.36
CA VAL F 92 13.34 32.68 -3.12
C VAL F 92 12.91 34.14 -3.25
N ARG F 93 13.62 35.03 -2.58
CA ARG F 93 13.19 36.45 -2.42
C ARG F 93 13.61 37.25 -3.66
N LYS F 94 13.00 38.42 -3.81
CA LYS F 94 13.11 39.28 -5.01
C LYS F 94 14.55 39.44 -5.48
N GLY F 95 14.79 39.22 -6.76
CA GLY F 95 16.08 39.53 -7.43
C GLY F 95 17.16 38.50 -7.16
N ALA F 96 16.87 37.41 -6.44
CA ALA F 96 17.88 36.35 -6.23
C ALA F 96 18.16 35.63 -7.54
N LEU F 97 19.29 34.95 -7.59
CA LEU F 97 19.69 34.08 -8.71
C LEU F 97 20.05 32.72 -8.13
N ILE F 98 19.43 31.67 -8.65
CA ILE F 98 19.74 30.25 -8.26
C ILE F 98 20.58 29.64 -9.37
N GLY F 99 21.85 29.42 -9.12
CA GLY F 99 22.81 28.89 -10.12
C GLY F 99 22.36 27.55 -10.70
N MET F 100 22.59 27.40 -11.99
CA MET F 100 22.23 26.16 -12.73
C MET F 100 22.72 24.92 -11.98
N GLY F 101 21.90 23.88 -11.97
CA GLY F 101 22.31 22.62 -11.36
C GLY F 101 22.18 22.52 -9.84
N SER F 102 21.55 23.52 -9.26
CA SER F 102 21.40 23.55 -7.81
C SER F 102 20.14 22.91 -7.29
N ILE F 103 20.16 22.57 -6.00
CA ILE F 103 18.99 22.03 -5.33
C ILE F 103 18.67 22.86 -4.09
N ILE F 104 17.44 23.32 -3.99
CA ILE F 104 17.01 24.17 -2.86
C ILE F 104 15.88 23.47 -2.19
N LEU F 105 16.12 23.11 -0.95
CA LEU F 105 15.16 22.27 -0.29
C LEU F 105 14.13 22.88 0.65
N ASP F 106 13.35 22.01 1.25
CA ASP F 106 12.20 22.47 2.02
C ASP F 106 12.38 23.50 3.12
N GLY F 107 11.72 24.63 2.92
CA GLY F 107 11.73 25.75 3.87
C GLY F 107 13.02 26.53 3.82
N ALA F 108 13.96 26.19 2.93
CA ALA F 108 15.16 27.00 2.70
C ALA F 108 14.74 28.37 2.18
N GLU F 109 15.43 29.42 2.61
CA GLU F 109 15.09 30.81 2.25
C GLU F 109 16.32 31.46 1.63
N ILE F 110 16.16 31.92 0.39
CA ILE F 110 17.22 32.64 -0.36
C ILE F 110 16.91 34.13 -0.29
N GLY F 111 17.76 34.88 0.41
CA GLY F 111 17.56 36.31 0.67
C GLY F 111 17.51 37.11 -0.62
N LYS F 112 16.85 38.29 -0.54
CA LYS F 112 16.72 39.23 -1.67
C LYS F 112 18.11 39.46 -2.30
N GLY F 113 18.19 39.35 -3.61
CA GLY F 113 19.40 39.64 -4.41
C GLY F 113 20.58 38.72 -4.13
N ALA F 114 20.40 37.58 -3.46
CA ALA F 114 21.48 36.61 -3.21
C ALA F 114 21.78 35.80 -4.49
N PHE F 115 22.98 35.26 -4.58
CA PHE F 115 23.50 34.47 -5.72
C PHE F 115 23.90 33.11 -5.16
N VAL F 116 23.17 32.05 -5.51
CA VAL F 116 23.57 30.65 -5.16
C VAL F 116 24.36 30.12 -6.35
N GLY F 117 25.63 29.78 -6.14
CA GLY F 117 26.52 29.32 -7.21
C GLY F 117 26.04 28.02 -7.83
N ALA F 118 26.39 27.79 -9.09
CA ALA F 118 26.06 26.54 -9.83
C ALA F 118 26.41 25.31 -8.98
N GLY F 119 25.52 24.32 -9.02
CA GLY F 119 25.77 22.97 -8.50
C GLY F 119 25.62 22.89 -6.99
N SER F 120 25.02 23.90 -6.36
CA SER F 120 24.92 23.99 -4.89
C SER F 120 23.76 23.15 -4.36
N LEU F 121 23.83 22.85 -3.07
CA LEU F 121 22.71 22.23 -2.31
C LEU F 121 22.47 23.12 -1.09
N VAL F 122 21.26 23.67 -0.98
CA VAL F 122 20.81 24.42 0.23
C VAL F 122 19.85 23.51 1.00
N PRO F 123 20.27 23.01 2.18
CA PRO F 123 19.49 22.03 2.93
C PRO F 123 18.21 22.62 3.53
N PRO F 124 17.27 21.75 3.96
CA PRO F 124 15.99 22.21 4.50
C PRO F 124 16.20 23.23 5.63
N GLY F 125 15.45 24.32 5.57
CA GLY F 125 15.35 25.34 6.63
C GLY F 125 16.52 26.30 6.64
N LYS F 126 17.53 26.12 5.78
CA LYS F 126 18.74 26.97 5.79
C LYS F 126 18.45 28.31 5.12
N LYS F 127 19.03 29.40 5.65
CA LYS F 127 18.84 30.76 5.11
C LYS F 127 20.14 31.22 4.47
N ILE F 128 20.03 31.75 3.24
CA ILE F 128 21.16 32.45 2.58
C ILE F 128 20.87 33.94 2.74
N PRO F 129 21.77 34.70 3.38
CA PRO F 129 21.53 36.12 3.62
C PRO F 129 21.39 36.92 2.32
N GLU F 130 20.65 38.02 2.41
CA GLU F 130 20.44 38.94 1.25
C GLU F 130 21.79 39.38 0.67
N LYS F 131 21.87 39.47 -0.65
CA LYS F 131 23.00 40.11 -1.41
C LYS F 131 24.31 39.41 -1.09
N THR F 132 24.33 38.10 -0.82
CA THR F 132 25.59 37.34 -0.66
C THR F 132 25.72 36.32 -1.79
N LEU F 133 26.95 35.92 -2.05
CA LEU F 133 27.30 34.73 -2.86
C LEU F 133 27.46 33.55 -1.90
N ALA F 134 26.78 32.44 -2.18
CA ALA F 134 26.91 31.17 -1.43
C ALA F 134 27.04 30.03 -2.44
N PHE F 135 27.93 29.08 -2.20
CA PHE F 135 27.97 27.86 -3.05
C PHE F 135 28.53 26.69 -2.25
N GLY F 136 28.35 25.50 -2.80
CA GLY F 136 28.84 24.23 -2.25
C GLY F 136 27.68 23.33 -1.84
N ARG F 137 28.02 22.19 -1.24
CA ARG F 137 27.05 21.15 -0.82
C ARG F 137 27.43 20.64 0.55
N PRO F 138 26.85 21.17 1.66
CA PRO F 138 25.89 22.28 1.65
C PRO F 138 26.51 23.66 1.38
N ALA F 139 25.70 24.59 0.87
CA ALA F 139 26.14 25.95 0.46
C ALA F 139 26.67 26.70 1.70
N LYS F 140 27.82 27.36 1.52
CA LYS F 140 28.46 28.28 2.51
C LYS F 140 28.46 29.70 1.94
N VAL F 141 28.18 30.68 2.78
CA VAL F 141 28.31 32.11 2.40
C VAL F 141 29.79 32.39 2.12
N ILE F 142 30.11 32.98 0.97
CA ILE F 142 31.49 33.23 0.48
C ILE F 142 31.85 34.70 0.68
N ARG F 143 30.98 35.61 0.23
CA ARG F 143 31.29 37.06 0.19
C ARG F 143 29.99 37.84 -0.03
N GLU F 144 30.04 39.15 0.17
CA GLU F 144 28.93 40.07 -0.17
C GLU F 144 29.03 40.33 -1.66
N LEU F 145 27.90 40.39 -2.36
CA LEU F 145 27.89 40.79 -3.78
C LEU F 145 28.16 42.29 -3.85
N THR F 146 28.74 42.72 -4.96
CA THR F 146 28.96 44.15 -5.28
C THR F 146 27.85 44.65 -6.22
N GLU F 147 27.83 45.95 -6.44
CA GLU F 147 26.85 46.59 -7.35
C GLU F 147 27.05 46.03 -8.77
N GLU F 148 28.31 45.76 -9.16
CA GLU F 148 28.67 45.16 -10.46
C GLU F 148 28.02 43.77 -10.59
N ASP F 149 28.10 42.93 -9.53
CA ASP F 149 27.44 41.59 -9.52
C ASP F 149 25.93 41.76 -9.73
N LEU F 150 25.32 42.70 -9.00
CA LEU F 150 23.85 42.90 -9.05
C LEU F 150 23.46 43.35 -10.47
N GLN F 151 24.27 44.19 -11.10
CA GLN F 151 23.94 44.70 -12.46
C GLN F 151 24.05 43.55 -13.48
N ASP F 152 24.98 42.62 -13.30
CA ASP F 152 25.09 41.41 -14.17
C ASP F 152 23.83 40.54 -13.97
N MET F 153 23.32 40.45 -12.75
CA MET F 153 22.12 39.62 -12.45
C MET F 153 20.89 40.31 -13.10
N GLU F 154 20.85 41.64 -13.07
CA GLU F 154 19.79 42.42 -13.77
C GLU F 154 19.89 42.19 -15.28
N ARG F 155 21.08 42.16 -15.86
CA ARG F 155 21.29 41.98 -17.31
C ARG F 155 20.72 40.61 -17.74
N ILE F 156 21.00 39.55 -16.99
CA ILE F 156 20.48 38.19 -17.30
C ILE F 156 18.95 38.21 -17.25
N ARG F 157 18.37 38.76 -16.20
CA ARG F 157 16.89 38.88 -16.05
C ARG F 157 16.28 39.58 -17.28
N ARG F 158 16.84 40.71 -17.70
CA ARG F 158 16.28 41.54 -18.80
C ARG F 158 16.46 40.79 -20.13
N GLU F 159 17.62 40.15 -20.33
CA GLU F 159 17.90 39.35 -21.55
C GLU F 159 16.85 38.22 -21.65
N TYR F 160 16.46 37.58 -20.54
CA TYR F 160 15.47 36.48 -20.58
C TYR F 160 14.08 37.03 -20.93
N ILE F 161 13.72 38.21 -20.44
CA ILE F 161 12.43 38.85 -20.82
C ILE F 161 12.38 38.97 -22.35
N GLU F 162 13.45 39.46 -22.95
CA GLU F 162 13.52 39.70 -24.42
C GLU F 162 13.50 38.35 -25.15
N LYS F 163 14.27 37.37 -24.69
CA LYS F 163 14.31 36.06 -25.39
C LYS F 163 12.94 35.40 -25.30
N ALA F 164 12.28 35.51 -24.14
CA ALA F 164 10.94 34.93 -23.93
C ALA F 164 9.98 35.52 -24.96
N GLN F 165 10.02 36.83 -25.19
CA GLN F 165 9.09 37.50 -26.14
C GLN F 165 9.39 36.96 -27.56
N TYR F 166 10.67 36.76 -27.89
CA TYR F 166 11.08 36.24 -29.21
C TYR F 166 10.52 34.82 -29.43
N TYR F 167 10.76 33.90 -28.49
CA TYR F 167 10.30 32.51 -28.66
C TYR F 167 8.76 32.42 -28.63
N LYS F 168 8.10 33.20 -27.78
CA LYS F 168 6.62 33.21 -27.72
C LYS F 168 6.06 33.54 -29.11
N ASN F 169 6.68 34.46 -29.83
CA ASN F 169 6.31 34.83 -31.23
C ASN F 169 6.61 33.67 -32.19
N ILE F 170 7.81 33.09 -32.12
CA ILE F 170 8.25 31.95 -33.00
C ILE F 170 7.31 30.76 -32.80
N ALA F 171 6.98 30.42 -31.55
CA ALA F 171 6.05 29.32 -31.21
C ALA F 171 4.66 29.65 -31.77
ZN ZN G . -26.15 -20.31 25.37
ZN ZN H . -20.43 -16.26 12.73
ZN ZN I . -13.56 -26.76 5.47
ZN ZN J . 3.58 2.81 9.95
ZN ZN K . 5.93 -2.29 1.89
ZN ZN L . -3.69 -2.32 -4.63
S SO4 M . -3.13 1.55 -0.99
O1 SO4 M . -2.65 0.68 -1.98
O2 SO4 M . -3.44 0.75 0.17
O3 SO4 M . -2.17 2.52 -0.57
O4 SO4 M . -4.36 2.23 -1.45
ZN ZN N . -13.78 -3.47 12.86
ZN ZN O . 23.13 4.67 -19.43
ZN ZN P . -7.55 6.76 -3.77
ZN ZN Q . 20.21 16.90 -12.38
S SO4 R . 2.23 1.11 3.00
O1 SO4 R . 3.04 1.15 1.83
O2 SO4 R . 2.02 -0.27 3.36
O3 SO4 R . 2.99 1.77 4.09
O4 SO4 R . 0.98 1.73 2.85
ZN ZN S . 22.47 29.12 -19.89
ZN ZN T . 8.14 16.73 -4.47
#